data_7YXI
#
_entry.id   7YXI
#
_cell.length_a   55.688
_cell.length_b   64.930
_cell.length_c   103.150
_cell.angle_alpha   90.000
_cell.angle_beta   102.630
_cell.angle_gamma   90.000
#
_symmetry.space_group_name_H-M   'P 1 21 1'
#
loop_
_entity.id
_entity.type
_entity.pdbx_description
1 polymer GH14974p
2 non-polymer 'MANGANESE (II) ION'
3 non-polymer N-OXALYLGLYCINE
4 non-polymer 1,2-ETHANEDIOL
5 non-polymer 'SULFATE ION'
6 water water
#
_entity_poly.entity_id   1
_entity_poly.type   'polypeptide(L)'
_entity_poly.pdbx_seq_one_letter_code
;GSHMASMSEVERALDVLLQEAEELCIGSSVVELDRIPTALEFCREFYSKNQPVVIRKALNWPAIGKWTPKYLIEALGDRS
VDVAITPNGYADGLATQNGQEYFVLPLETKMKLSEVVRRLDDPTGAVHYIQKQNSNLSVDLPELAADLRVSDLDFAQQSF
NKPPDAVNFWLGDERAVTSMHKDPYENVYCVISGHKDFVLIPPHQLSCVPRGIYPTGVYKTSDSGQFYIEPLRDEEGSDQ
FTEWVSVDPLSPDLAKYPEYARAKPLKVRVHAGDILYLPNYWFHHVSQSHKCIAVNFWYDLDYDSRYCYYRMLEQMTSAR
SG
;
_entity_poly.pdbx_strand_id   A,B
#
loop_
_chem_comp.id
_chem_comp.type
_chem_comp.name
_chem_comp.formula
EDO non-polymer 1,2-ETHANEDIOL 'C2 H6 O2'
MN non-polymer 'MANGANESE (II) ION' 'Mn 2'
OGA non-polymer N-OXALYLGLYCINE 'C4 H5 N O5'
SO4 non-polymer 'SULFATE ION' 'O4 S -2'
#
# COMPACT_ATOMS: atom_id res chain seq x y z
N SER A 6 -24.82 -16.83 11.26
CA SER A 6 -24.99 -16.44 9.83
C SER A 6 -23.64 -16.54 9.11
N MET A 7 -22.66 -15.75 9.57
CA MET A 7 -21.37 -15.63 8.92
C MET A 7 -20.25 -16.29 9.73
N SER A 8 -19.35 -16.96 9.02
CA SER A 8 -18.11 -17.47 9.60
C SER A 8 -17.24 -16.33 10.15
N GLU A 9 -16.14 -16.73 10.82
CA GLU A 9 -15.13 -15.76 11.21
C GLU A 9 -14.48 -15.15 9.97
N VAL A 10 -14.14 -16.01 9.02
CA VAL A 10 -13.52 -15.59 7.78
C VAL A 10 -14.45 -14.68 7.03
N GLU A 11 -15.76 -15.02 6.99
CA GLU A 11 -16.72 -14.20 6.27
C GLU A 11 -16.94 -12.85 6.95
N ARG A 12 -16.96 -12.82 8.30
CA ARG A 12 -16.96 -11.55 9.02
C ARG A 12 -15.71 -10.70 8.67
N ALA A 13 -14.55 -11.33 8.60
CA ALA A 13 -13.35 -10.57 8.29
C ALA A 13 -13.39 -10.02 6.86
N LEU A 14 -13.79 -10.85 5.90
CA LEU A 14 -13.95 -10.36 4.53
C LEU A 14 -15.00 -9.25 4.46
N ASP A 15 -16.06 -9.35 5.25
CA ASP A 15 -17.07 -8.30 5.23
C ASP A 15 -16.49 -7.00 5.74
N VAL A 16 -15.63 -7.06 6.76
CA VAL A 16 -15.06 -5.82 7.30
C VAL A 16 -14.14 -5.19 6.26
N LEU A 17 -13.29 -6.02 5.66
CA LEU A 17 -12.42 -5.57 4.57
C LEU A 17 -13.23 -4.84 3.50
N LEU A 18 -14.30 -5.48 3.02
CA LEU A 18 -15.06 -4.91 1.91
C LEU A 18 -15.83 -3.67 2.35
N GLN A 19 -16.37 -3.65 3.58
CA GLN A 19 -17.08 -2.46 4.05
C GLN A 19 -16.13 -1.26 4.16
N GLU A 20 -14.93 -1.48 4.69
CA GLU A 20 -13.99 -0.38 4.81
C GLU A 20 -13.55 0.10 3.43
N ALA A 21 -13.30 -0.83 2.49
CA ALA A 21 -12.94 -0.41 1.14
C ALA A 21 -14.09 0.31 0.44
N GLU A 22 -15.33 -0.11 0.68
CA GLU A 22 -16.48 0.52 0.07
C GLU A 22 -16.71 1.92 0.62
N GLU A 23 -16.51 2.11 1.94
CA GLU A 23 -16.73 3.46 2.49
C GLU A 23 -15.64 4.40 2.01
N LEU A 24 -14.38 3.91 1.91
CA LEU A 24 -13.29 4.73 1.39
C LEU A 24 -13.25 4.77 -0.14
N CYS A 25 -14.05 3.97 -0.83
CA CYS A 25 -14.04 3.97 -2.29
C CYS A 25 -12.66 3.66 -2.84
N ILE A 26 -12.04 2.61 -2.29
CA ILE A 26 -10.71 2.27 -2.72
C ILE A 26 -10.82 1.72 -4.13
N GLY A 27 -10.02 2.27 -5.04
CA GLY A 27 -10.04 1.72 -6.38
C GLY A 27 -11.39 1.86 -7.05
N SER A 28 -12.08 2.99 -6.82
CA SER A 28 -13.45 3.18 -7.26
C SER A 28 -13.55 3.89 -8.62
N SER A 29 -12.43 4.33 -9.19
N SER A 29 -12.45 4.40 -9.16
CA SER A 29 -12.44 5.04 -10.46
CA SER A 29 -12.48 5.00 -10.48
C SER A 29 -11.05 4.99 -11.04
C SER A 29 -11.07 4.98 -11.05
N VAL A 30 -10.98 4.87 -12.38
CA VAL A 30 -9.72 5.06 -13.07
C VAL A 30 -9.47 6.57 -13.16
N VAL A 31 -8.32 7.02 -12.68
CA VAL A 31 -8.02 8.44 -12.73
C VAL A 31 -7.77 8.88 -14.16
N GLU A 32 -8.24 10.09 -14.48
CA GLU A 32 -8.13 10.67 -15.80
C GLU A 32 -7.14 11.82 -15.73
N LEU A 33 -6.03 11.70 -16.43
CA LEU A 33 -5.09 12.79 -16.63
C LEU A 33 -5.05 13.19 -18.09
N ASP A 34 -4.73 14.47 -18.33
CA ASP A 34 -4.56 15.02 -19.67
C ASP A 34 -3.10 15.24 -20.03
N ARG A 35 -2.20 15.05 -19.08
CA ARG A 35 -0.80 15.11 -19.42
C ARG A 35 0.02 14.22 -18.49
N ILE A 36 1.15 13.77 -19.05
CA ILE A 36 2.03 12.83 -18.37
C ILE A 36 2.52 13.47 -17.07
N PRO A 37 2.42 12.78 -15.94
CA PRO A 37 2.86 13.35 -14.67
C PRO A 37 4.38 13.23 -14.56
N THR A 38 4.94 13.94 -13.59
CA THR A 38 6.32 13.71 -13.22
C THR A 38 6.44 12.34 -12.60
N ALA A 39 7.68 11.84 -12.54
CA ALA A 39 7.94 10.56 -11.88
C ALA A 39 7.47 10.60 -10.42
N LEU A 40 7.83 11.68 -9.70
CA LEU A 40 7.39 11.81 -8.32
C LEU A 40 5.86 11.75 -8.23
N GLU A 41 5.18 12.48 -9.09
CA GLU A 41 3.71 12.46 -9.08
C GLU A 41 3.17 11.06 -9.35
N PHE A 42 3.75 10.35 -10.31
CA PHE A 42 3.25 9.03 -10.63
C PHE A 42 3.44 8.09 -9.45
N CYS A 43 4.61 8.17 -8.80
CA CYS A 43 4.93 7.32 -7.66
C CYS A 43 4.01 7.59 -6.49
N ARG A 44 3.67 8.86 -6.28
CA ARG A 44 2.91 9.27 -5.12
C ARG A 44 1.45 8.96 -5.30
N GLU A 45 0.92 9.24 -6.48
CA GLU A 45 -0.52 9.17 -6.66
C GLU A 45 -0.98 7.81 -7.20
N PHE A 46 -0.11 7.06 -7.89
CA PHE A 46 -0.59 5.86 -8.58
C PHE A 46 0.16 4.60 -8.18
N TYR A 47 1.48 4.58 -8.31
CA TYR A 47 2.25 3.40 -7.91
C TYR A 47 2.00 3.07 -6.44
N SER A 48 2.21 4.05 -5.56
CA SER A 48 2.13 3.81 -4.13
C SER A 48 0.72 3.48 -3.68
N LYS A 49 -0.27 3.93 -4.43
CA LYS A 49 -1.67 3.59 -4.14
C LYS A 49 -2.20 2.35 -4.87
N ASN A 50 -1.39 1.69 -5.70
CA ASN A 50 -1.87 0.59 -6.51
C ASN A 50 -3.11 0.99 -7.30
N GLN A 51 -3.05 2.18 -7.95
CA GLN A 51 -4.22 2.92 -8.45
C GLN A 51 -4.15 3.11 -9.95
N PRO A 52 -5.13 2.65 -10.73
CA PRO A 52 -5.04 2.75 -12.18
C PRO A 52 -5.24 4.17 -12.62
N VAL A 53 -4.58 4.50 -13.71
CA VAL A 53 -4.73 5.84 -14.29
C VAL A 53 -4.65 5.72 -15.81
N VAL A 54 -5.45 6.53 -16.50
CA VAL A 54 -5.42 6.69 -17.94
C VAL A 54 -5.02 8.13 -18.24
N ILE A 55 -4.03 8.27 -19.11
CA ILE A 55 -3.47 9.53 -19.56
C ILE A 55 -3.89 9.71 -21.01
N ARG A 56 -4.69 10.74 -21.27
CA ARG A 56 -5.28 10.93 -22.57
C ARG A 56 -4.31 11.60 -23.52
N LYS A 57 -4.25 11.09 -24.76
CA LYS A 57 -3.40 11.66 -25.82
C LYS A 57 -1.99 11.93 -25.28
N ALA A 58 -1.45 10.94 -24.57
CA ALA A 58 -0.14 11.09 -23.96
C ALA A 58 0.97 10.94 -24.99
N LEU A 59 0.77 10.07 -25.98
CA LEU A 59 1.85 9.65 -26.87
C LEU A 59 1.62 10.10 -28.31
N ASN A 60 2.70 10.53 -28.97
CA ASN A 60 2.71 10.91 -30.37
C ASN A 60 3.72 10.10 -31.17
N TRP A 61 4.07 8.93 -30.65
CA TRP A 61 5.00 8.05 -31.32
C TRP A 61 4.70 7.94 -32.82
N PRO A 62 5.73 7.91 -33.66
CA PRO A 62 5.46 7.68 -35.10
C PRO A 62 4.52 6.50 -35.38
N ALA A 63 4.54 5.48 -34.53
CA ALA A 63 3.71 4.30 -34.79
C ALA A 63 2.24 4.69 -34.91
N ILE A 64 1.80 5.65 -34.08
CA ILE A 64 0.38 5.98 -34.02
C ILE A 64 -0.07 6.51 -35.37
N GLY A 65 0.82 7.18 -36.07
CA GLY A 65 0.46 7.56 -37.43
C GLY A 65 0.68 6.53 -38.52
N LYS A 66 1.63 5.62 -38.34
CA LYS A 66 2.13 4.85 -39.46
C LYS A 66 1.68 3.42 -39.46
N TRP A 67 1.40 2.84 -38.30
CA TRP A 67 1.18 1.40 -38.23
C TRP A 67 -0.21 1.06 -38.76
N THR A 68 -0.27 0.71 -40.03
CA THR A 68 -1.41 0.06 -40.65
C THR A 68 -1.02 -1.35 -41.01
N PRO A 69 -1.99 -2.22 -41.29
CA PRO A 69 -1.63 -3.57 -41.76
C PRO A 69 -0.64 -3.52 -42.91
N LYS A 70 -0.88 -2.65 -43.89
CA LYS A 70 0.01 -2.55 -45.04
C LYS A 70 1.43 -2.12 -44.62
N TYR A 71 1.53 -1.11 -43.75
CA TYR A 71 2.85 -0.67 -43.32
C TYR A 71 3.56 -1.76 -42.54
N LEU A 72 2.84 -2.45 -41.66
CA LEU A 72 3.43 -3.54 -40.90
C LEU A 72 3.91 -4.67 -41.81
N ILE A 73 3.09 -5.09 -42.77
CA ILE A 73 3.54 -6.11 -43.72
C ILE A 73 4.83 -5.64 -44.40
N GLU A 74 4.81 -4.42 -44.95
CA GLU A 74 5.98 -3.91 -45.67
C GLU A 74 7.21 -3.84 -44.77
N ALA A 75 7.03 -3.47 -43.49
CA ALA A 75 8.19 -3.25 -42.63
C ALA A 75 8.81 -4.56 -42.14
N LEU A 76 8.00 -5.60 -41.96
CA LEU A 76 8.48 -6.88 -41.46
C LEU A 76 8.73 -7.85 -42.60
N GLY A 77 8.79 -7.35 -43.83
CA GLY A 77 8.98 -8.24 -44.98
C GLY A 77 7.95 -9.34 -45.05
N ASP A 78 6.71 -9.02 -44.73
CA ASP A 78 5.65 -10.02 -44.61
C ASP A 78 6.13 -11.23 -43.82
N ARG A 79 6.78 -10.95 -42.69
CA ARG A 79 7.27 -12.00 -41.84
C ARG A 79 6.17 -12.95 -41.42
N SER A 80 6.54 -14.21 -41.21
N SER A 80 6.53 -14.21 -41.19
CA SER A 80 5.64 -15.19 -40.61
CA SER A 80 5.63 -15.19 -40.60
C SER A 80 5.64 -14.98 -39.10
C SER A 80 5.63 -14.99 -39.10
N VAL A 81 4.47 -14.76 -38.51
CA VAL A 81 4.38 -14.46 -37.09
C VAL A 81 3.52 -15.50 -36.37
N ASP A 82 3.76 -15.59 -35.05
CA ASP A 82 2.91 -16.35 -34.14
C ASP A 82 1.53 -15.70 -34.00
N VAL A 83 0.48 -16.48 -34.28
CA VAL A 83 -0.89 -16.02 -34.16
C VAL A 83 -1.70 -17.07 -33.44
N ALA A 84 -2.66 -16.60 -32.64
CA ALA A 84 -3.54 -17.41 -31.83
C ALA A 84 -4.93 -17.41 -32.46
N ILE A 85 -5.53 -18.59 -32.57
CA ILE A 85 -6.81 -18.75 -33.24
C ILE A 85 -7.73 -19.48 -32.26
N THR A 86 -8.98 -19.05 -32.22
CA THR A 86 -10.02 -19.73 -31.46
C THR A 86 -11.28 -19.71 -32.31
N PRO A 87 -12.23 -20.60 -32.03
CA PRO A 87 -13.55 -20.51 -32.67
C PRO A 87 -14.48 -19.50 -32.05
N ASN A 88 -14.36 -19.26 -30.73
CA ASN A 88 -15.31 -18.45 -30.01
C ASN A 88 -14.79 -17.07 -29.64
N GLY A 89 -13.52 -16.77 -29.91
CA GLY A 89 -12.92 -15.49 -29.55
C GLY A 89 -12.33 -15.44 -28.16
N TYR A 90 -12.16 -16.59 -27.48
CA TYR A 90 -11.71 -16.61 -26.10
C TYR A 90 -10.48 -17.48 -25.96
N ALA A 91 -9.35 -16.96 -26.40
CA ALA A 91 -8.07 -17.58 -26.07
C ALA A 91 -7.80 -17.44 -24.57
N ASP A 92 -7.35 -18.52 -23.95
CA ASP A 92 -7.19 -18.56 -22.49
C ASP A 92 -8.51 -18.19 -21.83
N GLY A 93 -9.51 -19.01 -22.09
CA GLY A 93 -10.86 -18.72 -21.64
C GLY A 93 -11.69 -19.97 -21.55
N LEU A 94 -12.82 -19.88 -20.84
CA LEU A 94 -13.65 -21.04 -20.55
C LEU A 94 -14.53 -21.37 -21.74
N ALA A 95 -14.72 -22.66 -21.98
CA ALA A 95 -15.60 -23.08 -23.05
C ALA A 95 -16.08 -24.49 -22.73
N THR A 96 -17.23 -24.86 -23.30
CA THR A 96 -17.87 -26.12 -22.93
C THR A 96 -17.81 -27.07 -24.12
N GLN A 97 -17.48 -28.32 -23.83
CA GLN A 97 -17.45 -29.34 -24.86
C GLN A 97 -17.93 -30.64 -24.22
N ASN A 98 -18.94 -31.26 -24.84
CA ASN A 98 -19.39 -32.58 -24.42
C ASN A 98 -19.76 -32.57 -22.94
N GLY A 99 -20.50 -31.55 -22.54
CA GLY A 99 -20.94 -31.46 -21.16
C GLY A 99 -19.87 -31.12 -20.12
N GLN A 100 -18.68 -30.70 -20.53
CA GLN A 100 -17.60 -30.43 -19.59
C GLN A 100 -17.03 -29.03 -19.85
N GLU A 101 -16.83 -28.26 -18.79
CA GLU A 101 -16.32 -26.90 -18.93
C GLU A 101 -14.79 -26.89 -18.75
N TYR A 102 -14.10 -26.35 -19.73
CA TYR A 102 -12.65 -26.39 -19.79
C TYR A 102 -12.13 -24.96 -19.76
N PHE A 103 -10.90 -24.78 -19.30
CA PHE A 103 -10.14 -23.59 -19.60
C PHE A 103 -9.28 -23.88 -20.82
N VAL A 104 -9.45 -23.12 -21.90
CA VAL A 104 -8.86 -23.49 -23.18
C VAL A 104 -7.82 -22.45 -23.60
N LEU A 105 -6.64 -22.94 -23.95
CA LEU A 105 -5.57 -22.27 -24.64
C LEU A 105 -5.84 -22.19 -26.14
N PRO A 106 -5.35 -21.16 -26.81
CA PRO A 106 -5.64 -21.01 -28.24
C PRO A 106 -4.89 -22.05 -29.09
N LEU A 107 -5.41 -22.25 -30.28
CA LEU A 107 -4.63 -22.87 -31.33
C LEU A 107 -3.53 -21.89 -31.71
N GLU A 108 -2.28 -22.30 -31.58
CA GLU A 108 -1.14 -21.46 -31.92
C GLU A 108 -0.51 -21.93 -33.21
N THR A 109 -0.27 -21.00 -34.14
CA THR A 109 0.40 -21.36 -35.38
C THR A 109 1.21 -20.17 -35.86
N LYS A 110 1.96 -20.41 -36.94
CA LYS A 110 2.75 -19.38 -37.61
C LYS A 110 2.16 -19.12 -38.99
N MET A 111 1.99 -17.85 -39.33
CA MET A 111 1.58 -17.55 -40.70
C MET A 111 2.01 -16.14 -41.04
N LYS A 112 2.09 -15.89 -42.35
CA LYS A 112 2.54 -14.59 -42.83
C LYS A 112 1.54 -13.51 -42.42
N LEU A 113 2.08 -12.34 -42.05
CA LEU A 113 1.23 -11.24 -41.59
C LEU A 113 0.12 -10.92 -42.56
N SER A 114 0.43 -10.92 -43.86
CA SER A 114 -0.61 -10.66 -44.85
C SER A 114 -1.73 -11.69 -44.74
N GLU A 115 -1.42 -12.92 -44.38
CA GLU A 115 -2.47 -13.92 -44.22
C GLU A 115 -3.30 -13.65 -42.97
N VAL A 116 -2.63 -13.26 -41.89
CA VAL A 116 -3.34 -12.90 -40.67
C VAL A 116 -4.36 -11.81 -40.99
N VAL A 117 -3.90 -10.74 -41.65
CA VAL A 117 -4.76 -9.62 -42.00
C VAL A 117 -5.91 -10.09 -42.89
N ARG A 118 -5.62 -10.95 -43.86
CA ARG A 118 -6.70 -11.54 -44.66
C ARG A 118 -7.75 -12.19 -43.76
N ARG A 119 -7.33 -12.96 -42.77
CA ARG A 119 -8.29 -13.65 -41.91
C ARG A 119 -8.96 -12.70 -40.90
N LEU A 120 -8.31 -11.60 -40.51
CA LEU A 120 -9.01 -10.58 -39.73
C LEU A 120 -10.18 -10.00 -40.53
N ASP A 121 -10.06 -9.96 -41.85
CA ASP A 121 -11.09 -9.38 -42.69
C ASP A 121 -12.24 -10.34 -43.00
N ASP A 122 -12.25 -11.54 -42.44
CA ASP A 122 -13.33 -12.48 -42.67
C ASP A 122 -14.27 -12.52 -41.47
N PRO A 123 -15.43 -11.84 -41.52
CA PRO A 123 -16.25 -11.71 -40.29
C PRO A 123 -16.88 -13.01 -39.81
N THR A 124 -17.00 -14.03 -40.68
CA THR A 124 -17.58 -15.31 -40.30
C THR A 124 -16.52 -16.38 -40.03
N GLY A 125 -15.22 -16.10 -40.27
CA GLY A 125 -14.17 -17.09 -40.09
C GLY A 125 -13.76 -17.21 -38.63
N ALA A 126 -12.76 -18.06 -38.39
CA ALA A 126 -12.23 -18.24 -37.04
C ALA A 126 -11.52 -16.97 -36.54
N VAL A 127 -11.48 -16.82 -35.23
CA VAL A 127 -11.00 -15.58 -34.61
C VAL A 127 -9.48 -15.65 -34.44
N HIS A 128 -8.78 -14.66 -35.02
CA HIS A 128 -7.34 -14.55 -34.97
C HIS A 128 -6.92 -13.37 -34.11
N TYR A 129 -5.78 -13.53 -33.44
CA TYR A 129 -5.26 -12.56 -32.49
C TYR A 129 -3.76 -12.80 -32.38
N ILE A 130 -2.96 -11.77 -32.68
CA ILE A 130 -1.54 -11.80 -32.36
C ILE A 130 -1.42 -11.37 -30.90
N GLN A 131 -1.38 -12.36 -29.99
CA GLN A 131 -1.38 -12.10 -28.56
C GLN A 131 -0.27 -12.83 -27.80
N LYS A 132 0.84 -13.19 -28.49
CA LYS A 132 1.85 -14.05 -27.88
C LYS A 132 2.34 -13.51 -26.53
N GLN A 133 2.36 -12.19 -26.37
CA GLN A 133 3.00 -11.55 -25.21
C GLN A 133 4.40 -12.16 -25.13
N ASN A 134 4.88 -12.44 -23.91
CA ASN A 134 6.23 -12.98 -23.72
C ASN A 134 7.26 -12.08 -24.39
N SER A 135 7.00 -10.77 -24.37
CA SER A 135 7.91 -9.78 -24.96
C SER A 135 8.13 -10.04 -26.44
N ASN A 136 7.04 -10.37 -27.15
CA ASN A 136 7.14 -10.72 -28.56
C ASN A 136 7.57 -9.54 -29.43
N LEU A 137 7.42 -8.29 -28.98
CA LEU A 137 7.89 -7.18 -29.79
C LEU A 137 9.42 -7.07 -29.77
N SER A 138 10.00 -7.00 -28.57
CA SER A 138 11.46 -6.96 -28.48
C SER A 138 12.11 -8.24 -29.01
N VAL A 139 11.40 -9.37 -28.99
CA VAL A 139 12.00 -10.67 -29.36
C VAL A 139 11.77 -11.04 -30.83
N ASP A 140 10.51 -10.93 -31.29
CA ASP A 140 10.15 -11.37 -32.63
C ASP A 140 9.98 -10.24 -33.65
N LEU A 141 9.72 -9.01 -33.21
CA LEU A 141 9.54 -7.88 -34.12
C LEU A 141 10.41 -6.68 -33.74
N PRO A 142 11.74 -6.87 -33.67
CA PRO A 142 12.62 -5.77 -33.20
C PRO A 142 12.47 -4.47 -33.97
N GLU A 143 12.31 -4.53 -35.31
CA GLU A 143 12.31 -3.33 -36.13
C GLU A 143 11.22 -2.34 -35.71
N LEU A 144 10.08 -2.85 -35.22
CA LEU A 144 9.00 -1.95 -34.82
C LEU A 144 9.42 -1.00 -33.70
N ALA A 145 10.44 -1.37 -32.92
CA ALA A 145 10.91 -0.49 -31.86
C ALA A 145 11.29 0.88 -32.39
N ALA A 146 11.69 0.98 -33.66
CA ALA A 146 12.10 2.28 -34.18
C ALA A 146 10.95 3.28 -34.25
N ASP A 147 9.71 2.82 -34.23
CA ASP A 147 8.55 3.70 -34.27
C ASP A 147 8.03 4.03 -32.89
N LEU A 148 8.77 3.68 -31.83
CA LEU A 148 8.38 3.94 -30.46
C LEU A 148 9.40 4.87 -29.84
N ARG A 149 9.00 5.50 -28.73
CA ARG A 149 9.85 6.38 -27.89
C ARG A 149 9.57 5.94 -26.45
N VAL A 150 10.22 4.88 -26.00
CA VAL A 150 9.96 4.30 -24.69
C VAL A 150 10.35 5.26 -23.58
N SER A 151 11.33 6.14 -23.85
CA SER A 151 11.70 7.17 -22.88
C SER A 151 10.48 7.93 -22.37
N ASP A 152 9.45 8.07 -23.21
CA ASP A 152 8.25 8.78 -22.80
C ASP A 152 7.59 8.14 -21.59
N LEU A 153 7.94 6.89 -21.27
CA LEU A 153 7.40 6.15 -20.12
C LEU A 153 8.30 6.22 -18.89
N ASP A 154 9.35 7.04 -18.92
CA ASP A 154 10.23 7.16 -17.76
C ASP A 154 9.49 7.58 -16.50
N PHE A 155 8.42 8.35 -16.63
CA PHE A 155 7.65 8.76 -15.45
C PHE A 155 7.18 7.56 -14.65
N ALA A 156 6.86 6.44 -15.31
CA ALA A 156 6.42 5.23 -14.65
C ALA A 156 7.59 4.33 -14.31
N GLN A 157 8.54 4.19 -15.25
CA GLN A 157 9.66 3.30 -15.02
C GLN A 157 10.52 3.74 -13.83
N GLN A 158 10.64 5.05 -13.59
CA GLN A 158 11.44 5.50 -12.45
C GLN A 158 10.80 5.06 -11.15
N SER A 159 9.47 4.88 -11.13
CA SER A 159 8.82 4.34 -9.95
C SER A 159 9.03 2.84 -9.82
N PHE A 160 9.08 2.09 -10.94
CA PHE A 160 9.35 0.66 -10.83
C PHE A 160 10.84 0.45 -10.64
N ASN A 161 11.65 1.50 -10.95
CA ASN A 161 13.13 1.49 -10.87
C ASN A 161 13.78 0.22 -11.47
N LYS A 162 13.27 -0.23 -12.61
CA LYS A 162 13.90 -1.35 -13.30
C LYS A 162 13.41 -1.34 -14.74
N PRO A 163 14.19 -1.86 -15.67
CA PRO A 163 13.76 -1.86 -17.07
C PRO A 163 12.59 -2.80 -17.27
N PRO A 164 11.84 -2.62 -18.35
CA PRO A 164 10.70 -3.52 -18.57
C PRO A 164 11.20 -4.95 -18.63
N ASP A 165 10.43 -5.86 -18.08
CA ASP A 165 10.73 -7.26 -18.24
C ASP A 165 10.07 -7.81 -19.49
N ALA A 166 9.06 -7.14 -20.05
CA ALA A 166 8.60 -7.59 -21.36
C ALA A 166 7.98 -6.44 -22.12
N VAL A 167 8.08 -6.49 -23.45
CA VAL A 167 7.45 -5.54 -24.36
C VAL A 167 6.63 -6.35 -25.34
N ASN A 168 5.31 -6.22 -25.29
CA ASN A 168 4.42 -7.04 -26.09
C ASN A 168 3.67 -6.23 -27.14
N PHE A 169 3.34 -6.90 -28.25
CA PHE A 169 2.66 -6.36 -29.42
C PHE A 169 1.36 -7.14 -29.58
N TRP A 170 0.27 -6.42 -29.73
CA TRP A 170 -1.05 -6.99 -29.82
C TRP A 170 -1.75 -6.47 -31.07
N LEU A 171 -2.33 -7.37 -31.86
CA LEU A 171 -3.15 -6.96 -32.99
C LEU A 171 -4.26 -8.00 -33.18
N GLY A 172 -5.53 -7.57 -33.14
CA GLY A 172 -6.62 -8.50 -32.88
C GLY A 172 -7.91 -8.21 -33.64
N ASP A 173 -8.69 -9.28 -33.79
CA ASP A 173 -10.09 -9.19 -34.20
C ASP A 173 -10.93 -8.59 -33.08
N GLU A 174 -11.98 -7.82 -33.46
CA GLU A 174 -12.90 -7.28 -32.46
C GLU A 174 -13.52 -8.42 -31.65
N ARG A 175 -13.65 -9.58 -32.27
CA ARG A 175 -14.22 -10.75 -31.63
C ARG A 175 -13.29 -11.34 -30.60
N ALA A 176 -12.00 -11.07 -30.69
CA ALA A 176 -11.00 -11.65 -29.80
C ALA A 176 -11.02 -10.94 -28.44
N VAL A 177 -11.48 -11.66 -27.40
CA VAL A 177 -11.65 -11.12 -26.05
C VAL A 177 -10.74 -11.87 -25.10
N THR A 178 -10.13 -11.13 -24.19
CA THR A 178 -9.24 -11.69 -23.18
C THR A 178 -10.01 -11.78 -21.87
N SER A 179 -10.30 -13.01 -21.42
CA SER A 179 -11.12 -13.20 -20.24
C SER A 179 -10.39 -12.72 -18.98
N MET A 180 -11.17 -12.45 -17.92
CA MET A 180 -10.64 -11.81 -16.73
C MET A 180 -9.55 -12.63 -16.06
N HIS A 181 -8.45 -11.97 -15.72
CA HIS A 181 -7.31 -12.58 -15.06
C HIS A 181 -6.50 -11.45 -14.40
N LYS A 182 -5.50 -11.84 -13.63
CA LYS A 182 -4.59 -10.86 -13.05
C LYS A 182 -3.17 -11.25 -13.41
N ASP A 183 -2.26 -10.30 -13.28
CA ASP A 183 -0.85 -10.49 -13.59
C ASP A 183 0.01 -10.01 -12.44
N PRO A 184 1.15 -10.68 -12.18
CA PRO A 184 2.12 -10.21 -11.18
C PRO A 184 3.07 -9.15 -11.76
N TYR A 185 2.54 -8.22 -12.54
CA TYR A 185 3.38 -7.23 -13.21
C TYR A 185 2.69 -5.88 -13.10
N GLU A 186 3.48 -4.82 -12.94
CA GLU A 186 3.01 -3.48 -13.27
C GLU A 186 2.92 -3.42 -14.79
N ASN A 187 1.82 -2.87 -15.31
CA ASN A 187 1.55 -2.87 -16.75
C ASN A 187 1.33 -1.44 -17.25
N VAL A 188 2.17 -1.02 -18.20
CA VAL A 188 1.99 0.26 -18.86
C VAL A 188 1.54 -0.06 -20.29
N TYR A 189 0.29 0.29 -20.62
CA TYR A 189 -0.42 -0.19 -21.80
C TYR A 189 -0.67 0.99 -22.72
N CYS A 190 -0.13 0.92 -23.93
CA CYS A 190 -0.17 1.98 -24.93
C CYS A 190 -0.93 1.51 -26.17
N VAL A 191 -2.10 2.10 -26.44
CA VAL A 191 -2.86 1.79 -27.65
C VAL A 191 -2.30 2.58 -28.82
N ILE A 192 -1.97 1.89 -29.91
CA ILE A 192 -1.41 2.52 -31.09
C ILE A 192 -2.49 2.82 -32.14
N SER A 193 -3.45 1.92 -32.31
CA SER A 193 -4.53 2.06 -33.30
C SER A 193 -5.83 1.43 -32.77
N GLY A 194 -6.93 2.14 -32.97
CA GLY A 194 -8.20 1.73 -32.40
C GLY A 194 -8.31 2.02 -30.91
N HIS A 195 -9.05 1.17 -30.20
CA HIS A 195 -9.25 1.36 -28.77
C HIS A 195 -9.42 0.01 -28.08
N LYS A 196 -9.10 -0.01 -26.79
CA LYS A 196 -9.29 -1.17 -25.93
C LYS A 196 -10.30 -0.79 -24.85
N ASP A 197 -11.17 -1.74 -24.51
CA ASP A 197 -12.13 -1.59 -23.42
C ASP A 197 -11.74 -2.53 -22.30
N PHE A 198 -11.33 -1.97 -21.17
CA PHE A 198 -10.96 -2.75 -20.00
C PHE A 198 -12.10 -2.76 -18.98
N VAL A 199 -12.32 -3.93 -18.39
CA VAL A 199 -13.06 -4.08 -17.15
C VAL A 199 -12.06 -4.45 -16.06
N LEU A 200 -11.99 -3.64 -15.02
CA LEU A 200 -10.97 -3.76 -14.00
C LEU A 200 -11.59 -3.99 -12.64
N ILE A 201 -10.98 -4.90 -11.86
CA ILE A 201 -11.43 -5.09 -10.47
C ILE A 201 -10.25 -5.08 -9.50
N PRO A 202 -10.31 -4.31 -8.40
CA PRO A 202 -9.14 -4.23 -7.53
C PRO A 202 -8.89 -5.51 -6.81
N PRO A 203 -7.64 -5.82 -6.45
CA PRO A 203 -7.33 -7.07 -5.74
C PRO A 203 -8.10 -7.28 -4.42
N HIS A 204 -8.36 -6.22 -3.62
CA HIS A 204 -9.04 -6.45 -2.34
C HIS A 204 -10.48 -6.97 -2.54
N GLN A 205 -11.01 -6.90 -3.76
CA GLN A 205 -12.33 -7.50 -4.01
C GLN A 205 -12.26 -8.97 -4.44
N LEU A 206 -11.12 -9.64 -4.19
CA LEU A 206 -11.00 -11.04 -4.56
C LEU A 206 -12.21 -11.87 -4.14
N SER A 207 -12.72 -11.68 -2.90
CA SER A 207 -13.81 -12.53 -2.43
C SER A 207 -15.10 -12.34 -3.20
N CYS A 208 -15.20 -11.25 -3.97
CA CYS A 208 -16.35 -11.03 -4.85
C CYS A 208 -16.21 -11.69 -6.24
N VAL A 209 -15.02 -12.15 -6.62
CA VAL A 209 -14.78 -12.68 -7.97
C VAL A 209 -14.78 -14.21 -7.86
N PRO A 210 -15.83 -14.91 -8.33
CA PRO A 210 -15.81 -16.37 -8.29
C PRO A 210 -14.67 -16.93 -9.12
N ARG A 211 -14.02 -17.95 -8.57
CA ARG A 211 -12.91 -18.64 -9.19
C ARG A 211 -13.14 -20.14 -9.07
N GLY A 212 -12.84 -20.88 -10.14
CA GLY A 212 -13.00 -22.32 -10.14
C GLY A 212 -11.75 -23.04 -10.64
N ILE A 213 -11.77 -24.34 -10.46
CA ILE A 213 -10.73 -25.22 -10.95
C ILE A 213 -11.32 -25.94 -12.15
N TYR A 214 -10.71 -25.77 -13.31
CA TYR A 214 -11.23 -26.38 -14.52
C TYR A 214 -10.20 -27.28 -15.17
N PRO A 215 -10.63 -28.37 -15.81
CA PRO A 215 -9.69 -29.13 -16.65
C PRO A 215 -9.17 -28.25 -17.77
N THR A 216 -7.90 -28.47 -18.13
CA THR A 216 -7.23 -27.63 -19.11
C THR A 216 -7.31 -28.30 -20.48
N GLY A 217 -7.58 -27.49 -21.52
CA GLY A 217 -7.60 -27.98 -22.88
C GLY A 217 -6.99 -26.98 -23.83
N VAL A 218 -6.81 -27.43 -25.08
CA VAL A 218 -6.26 -26.58 -26.13
C VAL A 218 -7.10 -26.75 -27.40
N TYR A 219 -7.29 -25.66 -28.13
CA TYR A 219 -8.06 -25.73 -29.35
C TYR A 219 -7.26 -26.43 -30.45
N LYS A 220 -7.95 -27.26 -31.24
CA LYS A 220 -7.38 -27.88 -32.43
C LYS A 220 -8.43 -27.85 -33.53
N THR A 221 -7.99 -28.11 -34.75
CA THR A 221 -8.89 -28.28 -35.89
C THR A 221 -8.79 -29.71 -36.39
N SER A 222 -9.89 -30.25 -36.89
CA SER A 222 -9.95 -31.64 -37.43
C SER A 222 -9.52 -31.62 -38.91
N ASP A 223 -9.57 -32.76 -39.61
CA ASP A 223 -9.21 -32.87 -41.06
C ASP A 223 -10.18 -32.00 -41.87
N SER A 224 -11.44 -31.94 -41.45
CA SER A 224 -12.54 -31.14 -42.07
C SER A 224 -12.52 -29.66 -41.66
N GLY A 225 -11.61 -29.16 -40.82
CA GLY A 225 -11.60 -27.74 -40.51
C GLY A 225 -12.39 -27.34 -39.27
N GLN A 226 -13.04 -28.29 -38.60
CA GLN A 226 -13.91 -27.97 -37.48
C GLN A 226 -13.10 -27.95 -36.19
N PHE A 227 -13.37 -26.93 -35.36
CA PHE A 227 -12.64 -26.79 -34.11
C PHE A 227 -13.16 -27.73 -33.02
N TYR A 228 -12.24 -28.20 -32.18
CA TYR A 228 -12.61 -28.94 -30.98
C TYR A 228 -11.57 -28.66 -29.90
N ILE A 229 -11.91 -29.07 -28.67
CA ILE A 229 -11.04 -28.94 -27.51
C ILE A 229 -10.38 -30.28 -27.19
N GLU A 230 -9.05 -30.27 -27.07
CA GLU A 230 -8.31 -31.45 -26.65
C GLU A 230 -7.85 -31.27 -25.22
N PRO A 231 -8.27 -32.13 -24.29
CA PRO A 231 -7.71 -32.09 -22.93
C PRO A 231 -6.19 -32.16 -22.94
N LEU A 232 -5.57 -31.34 -22.10
CA LEU A 232 -4.12 -31.39 -21.89
C LEU A 232 -3.78 -32.29 -20.71
N ARG A 233 -2.76 -33.12 -20.88
CA ARG A 233 -2.28 -34.10 -19.93
C ARG A 233 -0.81 -33.86 -19.76
N ASP A 234 -0.34 -34.03 -18.51
CA ASP A 234 1.09 -33.92 -18.31
C ASP A 234 1.76 -35.17 -18.86
N GLU A 235 2.90 -35.01 -19.55
CA GLU A 235 3.55 -36.13 -20.25
C GLU A 235 3.63 -37.32 -19.32
N GLY A 237 0.89 -38.94 -18.07
CA GLY A 237 0.07 -38.64 -16.92
C GLY A 237 -1.33 -38.13 -17.00
N SER A 238 -1.75 -37.56 -15.86
CA SER A 238 -3.13 -37.19 -15.56
C SER A 238 -3.62 -36.05 -16.47
N ASP A 239 -4.93 -35.80 -16.38
CA ASP A 239 -5.48 -34.55 -16.88
C ASP A 239 -4.92 -33.39 -16.06
N GLN A 240 -4.73 -32.26 -16.73
CA GLN A 240 -4.21 -31.08 -16.06
C GLN A 240 -5.33 -30.09 -15.75
N PHE A 241 -5.14 -29.31 -14.68
CA PHE A 241 -6.16 -28.40 -14.21
C PHE A 241 -5.60 -27.00 -14.00
N THR A 242 -6.47 -26.01 -14.09
CA THR A 242 -6.08 -24.64 -13.86
C THR A 242 -7.17 -23.91 -13.08
N GLU A 243 -6.73 -23.00 -12.22
CA GLU A 243 -7.66 -22.10 -11.56
C GLU A 243 -7.95 -20.91 -12.47
N TRP A 244 -9.23 -20.55 -12.60
CA TRP A 244 -9.59 -19.45 -13.50
C TRP A 244 -10.82 -18.74 -12.97
N VAL A 245 -10.90 -17.43 -13.24
CA VAL A 245 -12.08 -16.64 -12.89
C VAL A 245 -13.28 -17.20 -13.64
N SER A 246 -14.40 -17.37 -12.92
CA SER A 246 -15.56 -18.09 -13.48
C SER A 246 -16.58 -17.19 -14.11
N VAL A 247 -16.55 -15.89 -13.79
CA VAL A 247 -17.62 -14.98 -14.15
C VAL A 247 -17.31 -14.35 -15.48
N ASP A 248 -18.38 -14.09 -16.24
CA ASP A 248 -18.31 -13.26 -17.42
C ASP A 248 -18.68 -11.84 -17.05
N PRO A 249 -17.72 -10.90 -16.97
CA PRO A 249 -18.06 -9.54 -16.50
C PRO A 249 -18.95 -8.78 -17.45
N LEU A 250 -19.08 -9.25 -18.70
CA LEU A 250 -19.94 -8.55 -19.66
C LEU A 250 -21.40 -8.88 -19.44
N SER A 251 -21.70 -10.03 -18.85
CA SER A 251 -23.09 -10.43 -18.57
C SER A 251 -23.07 -11.41 -17.41
N PRO A 252 -22.88 -10.91 -16.19
CA PRO A 252 -22.61 -11.82 -15.08
C PRO A 252 -23.87 -12.54 -14.64
N ASP A 253 -23.72 -13.79 -14.26
CA ASP A 253 -24.82 -14.61 -13.74
C ASP A 253 -24.86 -14.40 -12.23
N LEU A 254 -25.61 -13.38 -11.81
CA LEU A 254 -25.66 -13.05 -10.39
C LEU A 254 -26.41 -14.10 -9.57
N ALA A 255 -27.27 -14.88 -10.21
CA ALA A 255 -27.88 -15.99 -9.47
C ALA A 255 -26.85 -17.06 -9.15
N LYS A 256 -26.02 -17.41 -10.14
CA LYS A 256 -24.96 -18.39 -9.90
C LYS A 256 -23.85 -17.80 -9.03
N TYR A 257 -23.55 -16.52 -9.18
CA TYR A 257 -22.45 -15.90 -8.44
C TYR A 257 -22.95 -14.65 -7.73
N PRO A 258 -23.73 -14.82 -6.66
CA PRO A 258 -24.26 -13.65 -5.94
C PRO A 258 -23.18 -12.76 -5.32
N GLU A 259 -22.04 -13.35 -4.91
CA GLU A 259 -20.96 -12.56 -4.32
C GLU A 259 -20.45 -11.51 -5.31
N TYR A 260 -20.58 -11.77 -6.61
CA TYR A 260 -20.14 -10.81 -7.62
C TYR A 260 -20.99 -9.55 -7.60
N ALA A 261 -22.22 -9.63 -7.11
CA ALA A 261 -23.01 -8.42 -6.93
C ALA A 261 -22.32 -7.39 -6.06
N ARG A 262 -21.41 -7.81 -5.19
CA ARG A 262 -20.73 -6.87 -4.32
C ARG A 262 -19.47 -6.30 -4.98
N ALA A 263 -19.00 -6.92 -6.06
CA ALA A 263 -17.90 -6.36 -6.82
C ALA A 263 -18.30 -5.01 -7.40
N LYS A 264 -17.32 -4.13 -7.57
CA LYS A 264 -17.53 -2.82 -8.16
C LYS A 264 -16.56 -2.68 -9.33
N PRO A 265 -16.92 -3.22 -10.50
CA PRO A 265 -15.99 -3.16 -11.64
C PRO A 265 -15.88 -1.76 -12.23
N LEU A 266 -14.69 -1.47 -12.74
CA LEU A 266 -14.41 -0.24 -13.45
C LEU A 266 -14.35 -0.51 -14.94
N LYS A 267 -14.87 0.44 -15.71
CA LYS A 267 -14.84 0.36 -17.18
C LYS A 267 -14.00 1.51 -17.69
N VAL A 268 -13.00 1.21 -18.52
CA VAL A 268 -12.24 2.30 -19.14
C VAL A 268 -11.92 2.00 -20.60
N ARG A 269 -12.10 2.99 -21.44
CA ARG A 269 -11.75 2.88 -22.85
C ARG A 269 -10.45 3.62 -23.13
N VAL A 270 -9.52 2.95 -23.80
CA VAL A 270 -8.17 3.47 -24.00
C VAL A 270 -8.00 3.62 -25.51
N HIS A 271 -7.97 4.86 -25.98
CA HIS A 271 -7.84 5.19 -27.39
C HIS A 271 -6.37 5.21 -27.80
N ALA A 272 -6.15 5.19 -29.11
CA ALA A 272 -4.84 5.42 -29.70
C ALA A 272 -4.20 6.69 -29.14
N GLY A 273 -2.96 6.57 -28.69
CA GLY A 273 -2.28 7.68 -28.04
C GLY A 273 -2.40 7.71 -26.53
N ASP A 274 -3.39 7.03 -25.97
CA ASP A 274 -3.62 7.03 -24.54
C ASP A 274 -2.72 6.01 -23.85
N ILE A 275 -2.46 6.24 -22.57
CA ILE A 275 -1.73 5.28 -21.74
C ILE A 275 -2.60 4.82 -20.57
N LEU A 276 -2.66 3.52 -20.33
CA LEU A 276 -3.31 2.99 -19.13
C LEU A 276 -2.24 2.39 -18.23
N TYR A 277 -2.15 2.84 -16.99
CA TYR A 277 -1.42 2.13 -15.94
C TYR A 277 -2.38 1.15 -15.29
N LEU A 278 -2.11 -0.15 -15.50
CA LEU A 278 -2.84 -1.26 -14.89
C LEU A 278 -1.96 -1.83 -13.78
N PRO A 279 -2.24 -1.51 -12.51
CA PRO A 279 -1.34 -1.88 -11.41
C PRO A 279 -1.37 -3.37 -11.17
N ASN A 280 -0.28 -3.85 -10.57
CA ASN A 280 -0.12 -5.29 -10.38
C ASN A 280 -1.30 -5.87 -9.61
N TYR A 281 -1.67 -7.09 -9.99
CA TYR A 281 -2.66 -7.93 -9.36
C TYR A 281 -4.08 -7.41 -9.54
N TRP A 282 -4.28 -6.30 -10.23
CA TRP A 282 -5.65 -5.95 -10.59
C TRP A 282 -6.22 -6.98 -11.59
N PHE A 283 -7.43 -7.45 -11.33
CA PHE A 283 -8.13 -8.22 -12.35
C PHE A 283 -8.45 -7.36 -13.58
N HIS A 284 -8.27 -7.94 -14.76
CA HIS A 284 -8.68 -7.24 -15.96
C HIS A 284 -9.22 -8.20 -17.02
N HIS A 285 -10.27 -7.71 -17.68
CA HIS A 285 -10.94 -8.29 -18.85
C HIS A 285 -10.80 -7.27 -19.98
N VAL A 286 -10.41 -7.70 -21.18
CA VAL A 286 -10.00 -6.76 -22.22
C VAL A 286 -10.70 -7.12 -23.54
N SER A 287 -11.35 -6.12 -24.13
CA SER A 287 -11.95 -6.19 -25.47
C SER A 287 -11.30 -5.10 -26.34
N GLN A 288 -11.46 -5.24 -27.64
CA GLN A 288 -10.78 -4.33 -28.54
C GLN A 288 -11.65 -3.99 -29.75
N SER A 289 -11.41 -2.80 -30.33
CA SER A 289 -11.93 -2.52 -31.67
C SER A 289 -11.28 -3.46 -32.68
N HIS A 290 -11.88 -3.54 -33.87
CA HIS A 290 -11.42 -4.49 -34.88
C HIS A 290 -10.05 -4.10 -35.42
N LYS A 291 -9.12 -5.06 -35.44
CA LYS A 291 -7.74 -4.80 -35.86
C LYS A 291 -7.06 -3.72 -34.99
N CYS A 292 -7.51 -3.62 -33.75
CA CYS A 292 -6.78 -2.83 -32.78
C CYS A 292 -5.33 -3.28 -32.66
N ILE A 293 -4.42 -2.29 -32.55
CA ILE A 293 -3.00 -2.50 -32.34
C ILE A 293 -2.60 -1.83 -31.03
N ALA A 294 -1.89 -2.57 -30.18
CA ALA A 294 -1.39 -2.01 -28.94
C ALA A 294 -0.01 -2.59 -28.59
N VAL A 295 0.72 -1.85 -27.77
N VAL A 295 0.72 -1.85 -27.78
CA VAL A 295 1.97 -2.34 -27.20
CA VAL A 295 1.97 -2.32 -27.20
C VAL A 295 1.89 -2.11 -25.70
C VAL A 295 1.89 -2.11 -25.70
N ASN A 296 2.41 -3.06 -24.92
CA ASN A 296 2.43 -2.85 -23.48
C ASN A 296 3.77 -3.30 -22.91
N PHE A 297 4.05 -2.80 -21.72
CA PHE A 297 5.30 -3.02 -21.02
C PHE A 297 4.97 -3.59 -19.64
N TRP A 298 5.62 -4.71 -19.32
CA TRP A 298 5.46 -5.37 -18.03
C TRP A 298 6.74 -5.19 -17.24
N TYR A 299 6.59 -4.79 -15.97
CA TYR A 299 7.69 -4.68 -15.02
C TYR A 299 7.41 -5.63 -13.85
N ASP A 300 8.37 -6.48 -13.50
CA ASP A 300 8.19 -7.36 -12.36
C ASP A 300 7.88 -6.54 -11.11
N LEU A 301 6.94 -7.00 -10.30
CA LEU A 301 6.49 -6.20 -9.19
C LEU A 301 7.50 -6.25 -8.05
N ASP A 302 7.53 -5.18 -7.26
N ASP A 302 7.52 -5.19 -7.25
CA ASP A 302 8.28 -5.13 -6.01
CA ASP A 302 8.28 -5.15 -6.01
C ASP A 302 7.37 -5.60 -4.88
C ASP A 302 7.38 -5.60 -4.87
N TYR A 303 7.73 -6.70 -4.21
CA TYR A 303 6.89 -7.25 -3.15
C TYR A 303 6.85 -6.34 -1.93
N ASP A 304 5.64 -5.99 -1.52
CA ASP A 304 5.42 -5.07 -0.41
C ASP A 304 4.39 -5.76 0.49
N SER A 305 3.83 -5.03 1.44
CA SER A 305 2.86 -5.63 2.35
C SER A 305 1.59 -6.03 1.64
N ARG A 306 1.24 -5.32 0.55
CA ARG A 306 0.00 -5.63 -0.14
C ARG A 306 0.01 -7.03 -0.70
N TYR A 307 1.16 -7.47 -1.21
CA TYR A 307 1.26 -8.86 -1.64
C TYR A 307 1.05 -9.82 -0.49
N CYS A 308 1.58 -9.50 0.68
CA CYS A 308 1.39 -10.40 1.80
C CYS A 308 -0.07 -10.44 2.22
N TYR A 309 -0.72 -9.28 2.27
CA TYR A 309 -2.15 -9.26 2.54
C TYR A 309 -2.93 -10.05 1.51
N TYR A 310 -2.56 -9.92 0.23
CA TYR A 310 -3.27 -10.62 -0.83
C TYR A 310 -3.09 -12.11 -0.73
N ARG A 311 -1.89 -12.57 -0.36
CA ARG A 311 -1.67 -14.01 -0.17
C ARG A 311 -2.56 -14.53 0.94
N MET A 312 -2.70 -13.73 1.99
CA MET A 312 -3.59 -14.09 3.08
C MET A 312 -5.03 -14.16 2.61
N LEU A 313 -5.45 -13.18 1.78
CA LEU A 313 -6.78 -13.16 1.19
C LEU A 313 -7.03 -14.39 0.32
N GLU A 314 -6.06 -14.79 -0.49
CA GLU A 314 -6.16 -16.04 -1.24
C GLU A 314 -6.40 -17.21 -0.30
N GLN A 315 -5.62 -17.27 0.78
CA GLN A 315 -5.85 -18.34 1.76
C GLN A 315 -7.28 -18.32 2.28
N MET A 316 -7.81 -17.13 2.58
CA MET A 316 -9.16 -17.03 3.12
C MET A 316 -10.25 -17.27 2.08
N THR A 317 -9.92 -17.17 0.78
CA THR A 317 -10.87 -17.31 -0.30
C THR A 317 -10.63 -18.59 -1.07
N SER A 318 -10.71 -19.77 -0.44
CA SER A 318 -10.32 -21.02 -1.08
C SER A 318 -11.14 -22.20 -0.57
N MET B 7 -5.14 -25.59 13.42
CA MET B 7 -5.43 -24.12 13.40
C MET B 7 -6.80 -23.83 12.78
N SER B 8 -7.49 -22.82 13.33
CA SER B 8 -8.66 -22.22 12.67
C SER B 8 -8.31 -21.74 11.27
N GLU B 9 -9.31 -21.47 10.43
CA GLU B 9 -9.00 -20.85 9.13
C GLU B 9 -8.48 -19.41 9.30
N VAL B 10 -8.97 -18.65 10.28
CA VAL B 10 -8.39 -17.33 10.54
C VAL B 10 -6.93 -17.48 10.99
N GLU B 11 -6.66 -18.44 11.88
CA GLU B 11 -5.29 -18.66 12.35
C GLU B 11 -4.38 -19.06 11.20
N ARG B 12 -4.90 -19.91 10.31
CA ARG B 12 -4.14 -20.29 9.12
C ARG B 12 -3.86 -19.08 8.23
N ALA B 13 -4.84 -18.22 8.05
CA ALA B 13 -4.58 -17.03 7.24
C ALA B 13 -3.54 -16.10 7.89
N LEU B 14 -3.62 -15.88 9.18
CA LEU B 14 -2.64 -15.02 9.85
C LEU B 14 -1.23 -15.63 9.77
N ASP B 15 -1.16 -16.95 9.88
CA ASP B 15 0.12 -17.61 9.66
C ASP B 15 0.65 -17.34 8.25
N VAL B 16 -0.22 -17.36 7.24
CA VAL B 16 0.26 -17.11 5.89
C VAL B 16 0.80 -15.69 5.77
N LEU B 17 0.01 -14.71 6.17
CA LEU B 17 0.49 -13.34 6.24
C LEU B 17 1.89 -13.27 6.86
N LEU B 18 2.09 -13.85 8.05
CA LEU B 18 3.34 -13.63 8.78
C LEU B 18 4.52 -14.36 8.11
N GLN B 19 4.27 -15.55 7.54
CA GLN B 19 5.34 -16.28 6.87
C GLN B 19 5.75 -15.56 5.60
N GLU B 20 4.78 -15.02 4.87
N GLU B 20 4.78 -15.01 4.87
CA GLU B 20 5.08 -14.26 3.67
CA GLU B 20 5.12 -14.29 3.65
C GLU B 20 5.90 -13.03 4.00
C GLU B 20 5.91 -13.03 3.99
N ALA B 21 5.41 -12.23 4.94
CA ALA B 21 6.09 -11.01 5.34
C ALA B 21 7.47 -11.30 5.89
N GLU B 22 7.64 -12.40 6.62
CA GLU B 22 8.96 -12.78 7.09
C GLU B 22 9.89 -13.11 5.93
N GLU B 23 9.44 -13.96 5.00
CA GLU B 23 10.33 -14.41 3.92
C GLU B 23 10.72 -13.24 3.03
N LEU B 24 9.82 -12.28 2.85
CA LEU B 24 10.08 -11.12 2.01
C LEU B 24 10.64 -9.93 2.79
N CYS B 25 10.95 -10.10 4.08
CA CYS B 25 11.58 -9.08 4.92
C CYS B 25 10.80 -7.77 4.95
N ILE B 26 9.48 -7.85 5.07
CA ILE B 26 8.67 -6.66 5.12
C ILE B 26 8.85 -5.98 6.48
N GLY B 27 9.20 -4.71 6.47
CA GLY B 27 9.34 -3.96 7.72
C GLY B 27 10.30 -4.58 8.71
N SER B 28 11.37 -5.17 8.22
CA SER B 28 12.24 -5.97 9.06
C SER B 28 13.43 -5.18 9.57
N SER B 29 13.58 -3.94 9.13
CA SER B 29 14.63 -3.11 9.71
C SER B 29 14.23 -1.65 9.59
N VAL B 30 15.00 -0.80 10.27
CA VAL B 30 14.94 0.64 10.06
C VAL B 30 16.13 0.97 9.16
N VAL B 31 15.86 1.36 7.91
CA VAL B 31 16.92 1.76 7.00
C VAL B 31 17.67 2.96 7.60
N GLU B 32 19.01 2.95 7.49
CA GLU B 32 19.86 4.01 8.00
C GLU B 32 20.55 4.71 6.82
N LEU B 33 20.37 6.02 6.73
CA LEU B 33 20.97 6.85 5.70
C LEU B 33 21.87 7.87 6.37
N ASP B 34 22.98 8.18 5.71
N ASP B 34 22.97 8.20 5.72
CA ASP B 34 23.86 9.27 6.15
CA ASP B 34 23.81 9.30 6.18
C ASP B 34 23.61 10.56 5.36
C ASP B 34 23.62 10.56 5.34
N ARG B 35 22.76 10.50 4.32
CA ARG B 35 22.44 11.65 3.49
C ARG B 35 20.94 11.67 3.21
N ILE B 36 20.38 12.88 3.18
CA ILE B 36 18.96 13.06 2.84
C ILE B 36 18.72 12.54 1.42
N PRO B 37 17.74 11.64 1.22
CA PRO B 37 17.46 11.14 -0.13
C PRO B 37 16.71 12.16 -0.99
N THR B 38 16.73 11.93 -2.30
CA THR B 38 15.88 12.74 -3.16
C THR B 38 14.42 12.49 -2.82
N ALA B 39 13.56 13.38 -3.31
CA ALA B 39 12.14 13.23 -3.09
C ALA B 39 11.61 11.92 -3.72
N LEU B 40 12.07 11.62 -4.93
CA LEU B 40 11.64 10.39 -5.58
C LEU B 40 12.10 9.17 -4.80
N GLU B 41 13.37 9.17 -4.37
CA GLU B 41 13.85 8.08 -3.53
C GLU B 41 12.94 7.89 -2.33
N PHE B 42 12.65 8.97 -1.61
CA PHE B 42 11.85 8.82 -0.40
C PHE B 42 10.48 8.25 -0.74
N CYS B 43 9.87 8.76 -1.80
CA CYS B 43 8.54 8.32 -2.16
C CYS B 43 8.54 6.84 -2.49
N ARG B 44 9.51 6.40 -3.30
CA ARG B 44 9.57 5.01 -3.76
C ARG B 44 10.02 4.03 -2.67
N GLU B 45 11.05 4.38 -1.90
CA GLU B 45 11.64 3.40 -1.00
C GLU B 45 11.04 3.45 0.40
N PHE B 46 10.48 4.58 0.86
CA PHE B 46 10.01 4.68 2.24
C PHE B 46 8.52 4.96 2.31
N TYR B 47 8.03 6.04 1.70
CA TYR B 47 6.61 6.38 1.79
C TYR B 47 5.76 5.25 1.19
N SER B 48 6.05 4.82 -0.04
CA SER B 48 5.12 3.90 -0.72
C SER B 48 5.21 2.49 -0.15
N LYS B 49 6.35 2.12 0.43
CA LYS B 49 6.50 0.84 1.12
C LYS B 49 6.12 0.92 2.59
N ASN B 50 5.72 2.09 3.09
CA ASN B 50 5.32 2.23 4.49
C ASN B 50 6.48 1.76 5.37
N GLN B 51 7.68 2.27 5.04
CA GLN B 51 8.95 1.71 5.50
C GLN B 51 9.74 2.77 6.25
N PRO B 52 10.13 2.53 7.49
CA PRO B 52 10.79 3.58 8.26
C PRO B 52 12.22 3.82 7.81
N VAL B 53 12.70 5.04 8.10
CA VAL B 53 14.10 5.33 7.81
C VAL B 53 14.61 6.37 8.79
N VAL B 54 15.88 6.21 9.18
CA VAL B 54 16.58 7.17 10.02
C VAL B 54 17.72 7.78 9.18
N ILE B 55 17.82 9.10 9.22
CA ILE B 55 18.83 9.85 8.48
C ILE B 55 19.69 10.55 9.52
N ARG B 56 20.96 10.21 9.56
CA ARG B 56 21.89 10.70 10.57
C ARG B 56 22.40 12.10 10.22
N LYS B 57 22.38 13.00 11.22
CA LYS B 57 22.93 14.33 11.05
C LYS B 57 22.41 14.99 9.77
N ALA B 58 21.11 14.87 9.59
CA ALA B 58 20.45 15.43 8.44
C ALA B 58 20.22 16.92 8.61
N LEU B 59 20.03 17.40 9.83
CA LEU B 59 19.55 18.75 10.04
C LEU B 59 20.58 19.58 10.79
N ASN B 60 20.75 20.83 10.36
N ASN B 60 20.77 20.81 10.36
CA ASN B 60 21.66 21.77 10.99
CA ASN B 60 21.66 21.75 11.06
C ASN B 60 20.92 23.01 11.48
C ASN B 60 20.91 23.00 11.49
N TRP B 61 19.65 22.84 11.88
CA TRP B 61 18.83 23.96 12.28
C TRP B 61 19.42 24.68 13.50
N PRO B 62 19.34 26.03 13.57
CA PRO B 62 19.88 26.74 14.74
C PRO B 62 19.34 26.20 16.06
N ALA B 63 18.10 25.68 16.09
CA ALA B 63 17.61 25.09 17.33
C ALA B 63 18.60 24.07 17.86
N ILE B 64 19.25 23.32 16.98
CA ILE B 64 20.17 22.28 17.40
C ILE B 64 21.45 22.93 17.91
N GLY B 65 21.73 22.74 19.19
CA GLY B 65 22.88 23.34 19.83
C GLY B 65 22.61 24.62 20.59
N LYS B 66 21.50 25.29 20.28
CA LYS B 66 21.08 26.54 20.94
C LYS B 66 19.91 26.30 21.90
N TRP B 67 18.97 25.40 21.61
CA TRP B 67 17.82 25.19 22.49
C TRP B 67 18.21 24.41 23.74
N THR B 68 18.23 25.10 24.86
CA THR B 68 18.43 24.58 26.20
C THR B 68 17.22 25.03 27.00
N PRO B 69 16.99 24.44 28.17
CA PRO B 69 15.98 25.00 29.09
C PRO B 69 16.21 26.48 29.38
N LYS B 70 17.45 26.90 29.62
CA LYS B 70 17.72 28.32 29.90
C LYS B 70 17.34 29.19 28.70
N TYR B 71 17.81 28.81 27.51
CA TYR B 71 17.48 29.57 26.31
C TYR B 71 15.97 29.64 26.12
N LEU B 72 15.26 28.53 26.31
CA LEU B 72 13.82 28.53 26.05
C LEU B 72 13.09 29.40 27.05
N ILE B 73 13.50 29.37 28.31
CA ILE B 73 12.91 30.26 29.31
C ILE B 73 13.12 31.72 28.91
N GLU B 74 14.34 32.06 28.50
CA GLU B 74 14.59 33.43 28.07
C GLU B 74 13.74 33.76 26.84
N ALA B 75 13.87 32.96 25.78
CA ALA B 75 13.25 33.29 24.51
C ALA B 75 11.73 33.39 24.63
N LEU B 76 11.10 32.54 25.44
CA LEU B 76 9.65 32.57 25.59
C LEU B 76 9.18 33.43 26.75
N GLY B 77 10.10 34.09 27.46
CA GLY B 77 9.73 34.89 28.62
C GLY B 77 9.03 34.10 29.71
N ASP B 78 9.59 32.95 30.07
CA ASP B 78 9.07 32.08 31.12
C ASP B 78 7.55 32.00 31.05
N ARG B 79 7.06 31.82 29.83
CA ARG B 79 5.65 31.66 29.57
C ARG B 79 5.09 30.45 30.30
N SER B 80 3.79 30.49 30.55
CA SER B 80 3.06 29.37 31.13
C SER B 80 2.73 28.37 30.01
N VAL B 81 3.14 27.12 30.20
N VAL B 81 3.14 27.12 30.20
CA VAL B 81 2.96 26.10 29.19
CA VAL B 81 2.97 26.10 29.18
C VAL B 81 2.15 24.96 29.78
C VAL B 81 2.15 24.96 29.78
N ASP B 82 1.51 24.21 28.90
CA ASP B 82 0.81 22.98 29.26
C ASP B 82 1.79 21.84 29.55
N VAL B 83 1.60 21.17 30.67
CA VAL B 83 2.49 20.10 31.06
C VAL B 83 1.66 18.93 31.55
N ALA B 84 2.11 17.72 31.23
CA ALA B 84 1.50 16.48 31.69
C ALA B 84 2.31 15.91 32.84
N ILE B 85 1.59 15.40 33.85
CA ILE B 85 2.19 14.91 35.08
C ILE B 85 1.61 13.55 35.41
N THR B 86 2.48 12.62 35.77
CA THR B 86 2.08 11.31 36.21
C THR B 86 2.93 10.87 37.39
N PRO B 87 2.42 9.96 38.21
CA PRO B 87 3.24 9.43 39.33
C PRO B 87 4.26 8.44 38.80
N ASN B 88 3.93 7.77 37.70
CA ASN B 88 4.67 6.59 37.30
C ASN B 88 5.42 6.74 35.99
N GLY B 89 5.32 7.91 35.33
CA GLY B 89 6.00 8.13 34.06
C GLY B 89 5.25 7.68 32.83
N TYR B 90 4.00 7.21 32.98
CA TYR B 90 3.27 6.69 31.82
C TYR B 90 2.01 7.49 31.58
N ALA B 91 2.17 8.66 30.95
CA ALA B 91 1.05 9.40 30.39
C ALA B 91 0.49 8.64 29.20
N ASP B 92 -0.84 8.45 29.18
CA ASP B 92 -1.47 7.58 28.19
C ASP B 92 -0.86 6.19 28.25
N GLY B 93 -1.04 5.56 29.41
CA GLY B 93 -0.44 4.26 29.62
C GLY B 93 -1.16 3.51 30.73
N LEU B 94 -0.85 2.20 30.82
CA LEU B 94 -1.55 1.34 31.78
C LEU B 94 -1.01 1.48 33.20
N ALA B 95 -1.91 1.41 34.17
CA ALA B 95 -1.59 1.47 35.60
C ALA B 95 -2.70 0.77 36.39
N THR B 96 -2.33 0.20 37.51
CA THR B 96 -3.26 -0.56 38.32
C THR B 96 -3.65 0.21 39.58
N GLN B 97 -4.88 0.02 40.00
CA GLN B 97 -5.38 0.62 41.24
C GLN B 97 -6.48 -0.26 41.76
N ASN B 98 -6.39 -0.61 43.03
CA ASN B 98 -7.43 -1.40 43.72
C ASN B 98 -7.87 -2.60 42.88
N GLY B 99 -6.89 -3.37 42.42
CA GLY B 99 -7.17 -4.60 41.72
C GLY B 99 -7.52 -4.45 40.25
N GLN B 100 -7.68 -3.24 39.74
CA GLN B 100 -8.14 -3.03 38.37
C GLN B 100 -7.05 -2.34 37.54
N GLU B 101 -6.87 -2.79 36.31
CA GLU B 101 -5.95 -2.13 35.40
C GLU B 101 -6.71 -1.08 34.57
N TYR B 102 -6.18 0.14 34.56
CA TYR B 102 -6.73 1.26 33.81
C TYR B 102 -5.74 1.75 32.76
N PHE B 103 -6.29 2.24 31.65
CA PHE B 103 -5.59 3.13 30.73
C PHE B 103 -5.74 4.53 31.32
N VAL B 104 -4.64 5.18 31.65
CA VAL B 104 -4.68 6.43 32.40
C VAL B 104 -4.10 7.58 31.58
N LEU B 105 -4.84 8.66 31.51
CA LEU B 105 -4.49 9.95 30.98
C LEU B 105 -3.75 10.77 32.05
N PRO B 106 -2.80 11.59 31.62
CA PRO B 106 -2.02 12.38 32.57
C PRO B 106 -2.85 13.45 33.21
N LEU B 107 -2.40 13.87 34.37
CA LEU B 107 -2.86 15.13 34.94
C LEU B 107 -2.30 16.24 34.08
N GLU B 108 -3.14 17.12 33.57
CA GLU B 108 -2.70 18.22 32.75
C GLU B 108 -2.81 19.50 33.54
N THR B 109 -1.75 20.31 33.53
CA THR B 109 -1.83 21.60 34.21
C THR B 109 -0.99 22.62 33.47
N LYS B 110 -1.11 23.86 33.90
CA LYS B 110 -0.36 24.98 33.35
C LYS B 110 0.73 25.40 34.35
N MET B 111 1.94 25.65 33.84
CA MET B 111 2.93 26.24 34.74
C MET B 111 4.04 26.89 33.93
N LYS B 112 4.75 27.80 34.59
CA LYS B 112 5.86 28.49 33.95
C LYS B 112 6.97 27.48 33.63
N LEU B 113 7.65 27.72 32.51
CA LEU B 113 8.75 26.87 32.11
C LEU B 113 9.78 26.68 33.24
N SER B 114 10.09 27.76 33.96
CA SER B 114 11.07 27.65 35.04
C SER B 114 10.62 26.65 36.09
N GLU B 115 9.32 26.60 36.41
CA GLU B 115 8.87 25.57 37.33
C GLU B 115 8.99 24.18 36.72
N VAL B 116 8.69 24.02 35.42
CA VAL B 116 8.85 22.71 34.80
C VAL B 116 10.29 22.23 34.95
N VAL B 117 11.24 23.13 34.64
CA VAL B 117 12.66 22.78 34.75
C VAL B 117 13.00 22.37 36.17
N ARG B 118 12.51 23.14 37.16
CA ARG B 118 12.71 22.76 38.56
C ARG B 118 12.20 21.35 38.87
N ARG B 119 10.99 21.01 38.37
CA ARG B 119 10.43 19.69 38.65
C ARG B 119 11.22 18.59 37.92
N LEU B 120 11.76 18.91 36.75
CA LEU B 120 12.57 17.95 36.01
C LEU B 120 13.88 17.64 36.75
N ASP B 121 14.39 18.61 37.53
CA ASP B 121 15.59 18.40 38.33
C ASP B 121 15.35 17.66 39.65
N ASP B 122 14.13 17.17 39.90
CA ASP B 122 13.82 16.40 41.10
C ASP B 122 13.61 14.94 40.70
N PRO B 123 14.59 14.06 40.90
CA PRO B 123 14.45 12.68 40.40
C PRO B 123 13.45 11.80 41.18
N THR B 124 12.95 12.25 42.33
CA THR B 124 11.99 11.50 43.12
C THR B 124 10.59 12.10 43.07
N GLY B 125 10.43 13.28 42.48
CA GLY B 125 9.14 13.94 42.41
C GLY B 125 8.25 13.30 41.34
N ALA B 126 7.10 13.92 41.13
CA ALA B 126 6.19 13.49 40.08
C ALA B 126 6.86 13.72 38.71
N VAL B 127 6.50 12.87 37.74
CA VAL B 127 7.12 12.88 36.42
C VAL B 127 6.41 13.89 35.52
N HIS B 128 7.18 14.83 34.97
CA HIS B 128 6.68 15.89 34.12
C HIS B 128 7.14 15.73 32.67
N TYR B 129 6.30 16.16 31.75
CA TYR B 129 6.53 15.93 30.32
C TYR B 129 5.71 16.98 29.61
N ILE B 130 6.36 17.86 28.84
CA ILE B 130 5.64 18.72 27.88
C ILE B 130 5.42 17.86 26.64
N GLN B 131 4.26 17.25 26.53
CA GLN B 131 3.92 16.34 25.41
C GLN B 131 2.51 16.59 24.90
N LYS B 132 1.96 17.78 25.06
CA LYS B 132 0.58 18.08 24.65
C LYS B 132 0.31 17.76 23.16
N GLN B 133 1.34 17.82 22.30
CA GLN B 133 1.19 17.71 20.85
C GLN B 133 0.00 18.56 20.41
N ASN B 134 -0.96 18.00 19.70
CA ASN B 134 -2.03 18.83 19.13
C ASN B 134 -1.47 20.07 18.42
N SER B 135 -0.30 19.92 17.80
CA SER B 135 0.43 21.03 17.17
C SER B 135 0.75 22.14 18.19
N ASN B 136 1.08 21.77 19.41
CA ASN B 136 1.44 22.76 20.43
C ASN B 136 2.58 23.71 20.03
N LEU B 137 3.46 23.35 19.10
CA LEU B 137 4.53 24.30 18.79
C LEU B 137 4.00 25.49 17.97
N SER B 138 3.18 25.23 16.94
CA SER B 138 2.66 26.32 16.13
C SER B 138 1.56 27.12 16.84
N VAL B 139 0.90 26.52 17.83
CA VAL B 139 -0.21 27.18 18.51
C VAL B 139 0.25 27.88 19.78
N ASP B 140 1.13 27.24 20.56
CA ASP B 140 1.53 27.76 21.86
C ASP B 140 2.93 28.34 21.90
N LEU B 141 3.84 27.84 21.05
CA LEU B 141 5.23 28.26 21.06
C LEU B 141 5.70 28.69 19.68
N PRO B 142 4.95 29.58 19.02
CA PRO B 142 5.30 29.91 17.63
C PRO B 142 6.66 30.57 17.46
N GLU B 143 7.16 31.32 18.44
CA GLU B 143 8.47 31.95 18.29
C GLU B 143 9.56 30.93 17.96
N LEU B 144 9.49 29.74 18.54
CA LEU B 144 10.48 28.71 18.27
C LEU B 144 10.59 28.38 16.78
N ALA B 145 9.53 28.62 15.99
CA ALA B 145 9.57 28.29 14.59
C ALA B 145 10.75 29.00 13.92
N ALA B 146 11.15 30.16 14.43
CA ALA B 146 12.21 30.88 13.72
C ALA B 146 13.56 30.15 13.75
N ASP B 147 13.72 29.14 14.62
CA ASP B 147 14.99 28.41 14.74
C ASP B 147 14.97 27.09 13.95
N LEU B 148 13.91 26.86 13.19
CA LEU B 148 13.77 25.66 12.37
C LEU B 148 13.74 26.05 10.90
N ARG B 149 13.97 25.08 10.01
CA ARG B 149 13.78 25.30 8.58
C ARG B 149 12.96 24.14 8.01
N VAL B 150 11.63 24.28 8.01
CA VAL B 150 10.76 23.17 7.65
C VAL B 150 10.95 22.74 6.20
N SER B 151 11.37 23.66 5.32
CA SER B 151 11.63 23.35 3.93
C SER B 151 12.71 22.30 3.80
N ASP B 152 13.58 22.16 4.82
CA ASP B 152 14.57 21.09 4.81
C ASP B 152 13.91 19.70 4.79
N LEU B 153 12.62 19.60 5.07
CA LEU B 153 11.85 18.34 5.09
C LEU B 153 11.12 18.14 3.76
N ASP B 154 11.35 18.99 2.76
CA ASP B 154 10.66 18.87 1.48
C ASP B 154 10.82 17.48 0.87
N PHE B 155 12.02 16.88 0.99
CA PHE B 155 12.27 15.55 0.44
C PHE B 155 11.21 14.54 0.86
N ALA B 156 10.66 14.70 2.06
CA ALA B 156 9.56 13.86 2.55
C ALA B 156 8.20 14.48 2.32
N GLN B 157 8.10 15.80 2.48
CA GLN B 157 6.79 16.43 2.40
C GLN B 157 6.23 16.31 0.98
N GLN B 158 7.11 16.20 -0.03
CA GLN B 158 6.61 16.03 -1.39
C GLN B 158 5.78 14.75 -1.52
N SER B 159 6.09 13.72 -0.73
CA SER B 159 5.29 12.51 -0.76
C SER B 159 3.93 12.73 -0.12
N PHE B 160 3.88 13.57 0.92
CA PHE B 160 2.63 13.76 1.64
C PHE B 160 1.80 14.79 0.91
N ASN B 161 2.47 15.69 0.19
CA ASN B 161 1.83 16.66 -0.70
C ASN B 161 0.85 17.54 0.04
N LYS B 162 1.24 17.99 1.24
CA LYS B 162 0.47 18.95 2.02
C LYS B 162 1.36 19.44 3.14
N PRO B 163 1.05 20.61 3.71
CA PRO B 163 1.80 21.08 4.88
C PRO B 163 1.47 20.21 6.08
N PRO B 164 2.29 20.28 7.12
CA PRO B 164 1.99 19.50 8.33
C PRO B 164 0.59 19.79 8.85
N ASP B 165 -0.11 18.72 9.26
N ASP B 165 -0.11 18.73 9.26
CA ASP B 165 -1.35 18.88 10.01
CA ASP B 165 -1.33 18.94 9.99
C ASP B 165 -1.06 19.26 11.46
C ASP B 165 -1.07 19.24 11.46
N ALA B 166 0.11 18.86 11.99
CA ALA B 166 0.48 19.32 13.33
C ALA B 166 1.99 19.39 13.42
N VAL B 167 2.47 20.37 14.22
CA VAL B 167 3.87 20.51 14.62
C VAL B 167 3.95 20.51 16.14
N ASN B 168 4.64 19.52 16.70
CA ASN B 168 4.66 19.30 18.14
C ASN B 168 6.03 19.53 18.74
N PHE B 169 6.01 20.03 19.96
CA PHE B 169 7.19 20.28 20.76
C PHE B 169 7.15 19.33 21.95
N TRP B 170 8.27 18.68 22.21
CA TRP B 170 8.37 17.70 23.28
C TRP B 170 9.59 18.05 24.14
N LEU B 171 9.40 18.03 25.46
CA LEU B 171 10.48 18.25 26.41
C LEU B 171 10.14 17.47 27.67
N GLY B 172 10.95 16.49 28.03
CA GLY B 172 10.52 15.53 29.02
C GLY B 172 11.59 15.07 29.99
N ASP B 173 11.09 14.54 31.12
CA ASP B 173 11.86 13.78 32.09
C ASP B 173 12.24 12.42 31.50
N GLU B 174 13.45 11.94 31.85
CA GLU B 174 13.87 10.61 31.44
C GLU B 174 12.92 9.52 31.92
N ARG B 175 12.22 9.73 33.03
CA ARG B 175 11.24 8.76 33.49
C ARG B 175 9.96 8.74 32.65
N ALA B 176 9.75 9.74 31.81
CA ALA B 176 8.51 9.84 31.05
C ALA B 176 8.63 8.95 29.82
N VAL B 177 7.85 7.89 29.79
CA VAL B 177 7.87 6.91 28.72
C VAL B 177 6.54 6.96 28.01
N THR B 178 6.58 6.95 26.68
CA THR B 178 5.36 6.91 25.86
C THR B 178 5.12 5.46 25.50
N SER B 179 4.08 4.85 26.09
CA SER B 179 3.81 3.44 25.82
C SER B 179 3.33 3.22 24.39
N MET B 180 3.40 1.95 23.96
CA MET B 180 3.27 1.63 22.54
C MET B 180 1.87 1.90 22.04
N HIS B 181 1.78 2.55 20.87
CA HIS B 181 0.55 2.91 20.21
C HIS B 181 0.87 3.13 18.73
N LYS B 182 -0.07 3.44 17.89
CA LYS B 182 0.08 3.77 16.48
C LYS B 182 -0.78 5.03 16.29
N ASP B 183 -0.39 5.84 15.34
CA ASP B 183 -1.02 7.07 14.91
C ASP B 183 -1.43 7.03 13.43
N PRO B 184 -2.56 7.69 13.06
CA PRO B 184 -2.98 7.73 11.66
C PRO B 184 -2.31 8.88 10.94
N TYR B 185 -1.00 9.04 11.16
CA TYR B 185 -0.23 10.12 10.59
C TYR B 185 1.07 9.56 10.02
N GLU B 186 1.55 10.13 8.91
CA GLU B 186 2.98 10.13 8.61
C GLU B 186 3.72 11.03 9.61
N ASN B 187 4.83 10.56 10.14
CA ASN B 187 5.51 11.28 11.21
C ASN B 187 6.96 11.52 10.82
N VAL B 188 7.35 12.80 10.69
CA VAL B 188 8.77 13.17 10.54
C VAL B 188 9.27 13.72 11.87
N TYR B 189 10.18 12.99 12.53
CA TYR B 189 10.52 13.17 13.93
C TYR B 189 11.97 13.69 13.97
N CYS B 190 12.18 14.86 14.60
CA CYS B 190 13.45 15.57 14.59
C CYS B 190 13.86 15.84 16.04
N VAL B 191 14.82 15.07 16.52
CA VAL B 191 15.38 15.35 17.83
C VAL B 191 16.27 16.58 17.74
N ILE B 192 16.15 17.44 18.75
CA ILE B 192 16.87 18.68 18.84
C ILE B 192 17.99 18.58 19.85
N SER B 193 17.72 17.92 20.98
CA SER B 193 18.70 17.83 22.04
C SER B 193 18.53 16.50 22.75
N GLY B 194 19.63 15.80 22.98
CA GLY B 194 19.63 14.51 23.64
C GLY B 194 19.28 13.40 22.69
N HIS B 195 18.53 12.37 23.13
CA HIS B 195 18.14 11.33 22.19
C HIS B 195 16.81 10.70 22.60
N LYS B 196 16.17 10.11 21.59
CA LYS B 196 14.98 9.30 21.76
C LYS B 196 15.26 7.85 21.37
N ASP B 197 14.75 6.92 22.19
CA ASP B 197 14.83 5.50 21.86
C ASP B 197 13.43 5.03 21.47
N PHE B 198 13.31 4.57 20.23
CA PHE B 198 12.08 4.07 19.67
C PHE B 198 12.11 2.55 19.57
N VAL B 199 10.99 1.94 19.90
CA VAL B 199 10.71 0.54 19.55
C VAL B 199 9.53 0.55 18.58
N LEU B 200 9.72 -0.07 17.42
CA LEU B 200 8.76 -0.02 16.32
C LEU B 200 8.33 -1.41 15.91
N ILE B 201 7.04 -1.56 15.60
CA ILE B 201 6.51 -2.83 15.09
C ILE B 201 5.64 -2.56 13.87
N PRO B 202 5.86 -3.28 12.77
CA PRO B 202 5.12 -3.01 11.56
C PRO B 202 3.63 -3.35 11.75
N PRO B 203 2.77 -2.68 11.01
CA PRO B 203 1.33 -2.94 11.19
C PRO B 203 0.88 -4.36 10.84
N HIS B 204 1.54 -4.99 9.86
CA HIS B 204 1.15 -6.34 9.48
C HIS B 204 1.43 -7.35 10.58
N GLN B 205 2.16 -6.96 11.64
CA GLN B 205 2.38 -7.82 12.80
C GLN B 205 1.32 -7.60 13.89
N LEU B 206 0.19 -6.98 13.53
CA LEU B 206 -0.85 -6.70 14.53
C LEU B 206 -1.22 -7.93 15.34
N SER B 207 -1.24 -9.10 14.72
CA SER B 207 -1.70 -10.31 15.41
C SER B 207 -0.72 -10.77 16.47
N CYS B 208 0.52 -10.32 16.40
CA CYS B 208 1.50 -10.60 17.44
C CYS B 208 1.46 -9.62 18.60
N VAL B 209 0.69 -8.56 18.52
CA VAL B 209 0.71 -7.49 19.53
C VAL B 209 -0.58 -7.58 20.33
N PRO B 210 -0.54 -8.04 21.59
CA PRO B 210 -1.77 -8.12 22.40
C PRO B 210 -2.34 -6.75 22.75
N ARG B 211 -3.65 -6.66 22.64
CA ARG B 211 -4.39 -5.44 22.88
C ARG B 211 -5.56 -5.80 23.78
N GLY B 212 -5.82 -4.97 24.79
CA GLY B 212 -6.93 -5.18 25.69
C GLY B 212 -7.86 -3.98 25.66
N ILE B 213 -8.98 -4.13 26.33
CA ILE B 213 -9.98 -3.06 26.48
C ILE B 213 -10.04 -2.72 27.97
N TYR B 214 -9.70 -1.50 28.29
CA TYR B 214 -9.44 -1.12 29.67
C TYR B 214 -10.34 0.03 30.02
N PRO B 215 -10.90 0.04 31.23
CA PRO B 215 -11.53 1.27 31.71
C PRO B 215 -10.52 2.39 31.66
N THR B 216 -11.02 3.58 31.35
CA THR B 216 -10.19 4.76 31.20
C THR B 216 -10.21 5.55 32.51
N GLY B 217 -9.07 6.11 32.88
CA GLY B 217 -9.03 6.95 34.05
C GLY B 217 -8.12 8.13 33.75
N VAL B 218 -8.06 9.04 34.73
CA VAL B 218 -7.18 10.21 34.64
C VAL B 218 -6.52 10.39 35.98
N TYR B 219 -5.23 10.76 35.98
CA TYR B 219 -4.53 11.05 37.24
C TYR B 219 -5.03 12.36 37.84
N LYS B 220 -5.25 12.32 39.15
CA LYS B 220 -5.56 13.47 40.00
C LYS B 220 -4.73 13.41 41.26
N THR B 221 -4.67 14.55 41.94
N THR B 221 -4.65 14.55 41.94
CA THR B 221 -3.99 14.64 43.22
CA THR B 221 -3.97 14.62 43.22
C THR B 221 -5.02 14.81 44.32
C THR B 221 -5.02 14.80 44.31
N SER B 222 -4.75 14.19 45.46
CA SER B 222 -5.64 14.25 46.61
C SER B 222 -5.36 15.50 47.42
N ASP B 223 -6.01 15.65 48.60
CA ASP B 223 -5.70 16.76 49.52
C ASP B 223 -4.24 16.74 49.96
N SER B 224 -3.66 15.54 50.11
CA SER B 224 -2.31 15.36 50.63
C SER B 224 -1.23 15.40 49.55
N GLY B 225 -1.60 15.71 48.31
CA GLY B 225 -0.66 15.70 47.21
C GLY B 225 -0.40 14.33 46.63
N GLN B 226 -1.14 13.31 47.08
CA GLN B 226 -0.98 11.95 46.58
C GLN B 226 -1.77 11.73 45.28
N PHE B 227 -1.12 11.08 44.34
CA PHE B 227 -1.76 10.73 43.09
C PHE B 227 -2.72 9.55 43.23
N TYR B 228 -3.82 9.64 42.50
CA TYR B 228 -4.71 8.51 42.33
C TYR B 228 -5.29 8.59 40.93
N ILE B 229 -6.00 7.53 40.57
CA ILE B 229 -6.64 7.40 39.29
C ILE B 229 -8.13 7.64 39.47
N GLU B 230 -8.67 8.64 38.76
CA GLU B 230 -10.10 8.87 38.75
C GLU B 230 -10.71 8.17 37.54
N PRO B 231 -11.53 7.12 37.72
CA PRO B 231 -12.15 6.46 36.58
C PRO B 231 -13.04 7.43 35.83
N LEU B 232 -13.08 7.28 34.53
CA LEU B 232 -14.03 7.99 33.69
C LEU B 232 -15.24 7.09 33.51
N ARG B 233 -16.42 7.64 33.73
CA ARG B 233 -17.68 6.95 33.51
C ARG B 233 -18.55 7.82 32.63
N ASP B 234 -19.42 7.19 31.83
CA ASP B 234 -20.40 7.97 31.09
C ASP B 234 -21.57 8.32 32.03
N GLU B 235 -22.59 9.03 31.53
CA GLU B 235 -23.70 9.42 32.41
C GLU B 235 -24.58 8.22 32.78
N GLU B 236 -24.43 7.08 32.07
CA GLU B 236 -25.13 5.86 32.46
C GLU B 236 -24.38 5.11 33.57
N GLY B 237 -23.29 5.67 34.07
CA GLY B 237 -22.50 5.01 35.08
C GLY B 237 -21.55 3.96 34.55
N SER B 238 -21.51 3.75 33.24
CA SER B 238 -20.62 2.76 32.67
C SER B 238 -19.19 3.32 32.56
N ASP B 239 -18.21 2.45 32.79
CA ASP B 239 -16.83 2.81 32.47
C ASP B 239 -16.67 3.13 30.98
N GLN B 240 -15.87 4.17 30.69
CA GLN B 240 -15.48 4.55 29.32
C GLN B 240 -14.29 3.65 29.06
N PHE B 241 -14.22 2.92 27.98
CA PHE B 241 -13.20 1.94 27.65
C PHE B 241 -12.27 2.49 26.58
N THR B 242 -11.02 2.08 26.64
CA THR B 242 -10.00 2.39 25.65
C THR B 242 -9.27 1.10 25.32
N GLU B 243 -9.17 0.79 24.03
CA GLU B 243 -8.31 -0.31 23.60
C GLU B 243 -6.86 0.15 23.64
N TRP B 244 -5.99 -0.69 24.17
CA TRP B 244 -4.62 -0.26 24.34
C TRP B 244 -3.71 -1.47 24.26
N VAL B 245 -2.50 -1.25 23.73
CA VAL B 245 -1.50 -2.32 23.70
C VAL B 245 -1.17 -2.74 25.12
N SER B 246 -1.19 -4.06 25.36
CA SER B 246 -1.02 -4.64 26.69
C SER B 246 0.42 -5.00 27.04
N VAL B 247 1.28 -5.15 26.03
CA VAL B 247 2.61 -5.67 26.29
C VAL B 247 3.52 -4.51 26.69
N ASP B 248 4.52 -4.82 27.52
CA ASP B 248 5.59 -3.87 27.81
C ASP B 248 6.79 -4.21 26.91
N PRO B 249 7.02 -3.47 25.83
CA PRO B 249 8.12 -3.83 24.92
C PRO B 249 9.47 -3.87 25.61
N LEU B 250 9.64 -3.19 26.75
CA LEU B 250 10.93 -3.13 27.41
C LEU B 250 11.23 -4.41 28.16
N SER B 251 10.18 -5.12 28.58
CA SER B 251 10.34 -6.36 29.34
C SER B 251 9.12 -7.24 29.11
N PRO B 252 8.99 -7.82 27.92
CA PRO B 252 7.73 -8.49 27.58
C PRO B 252 7.57 -9.81 28.31
N ASP B 253 6.36 -10.05 28.77
CA ASP B 253 6.01 -11.29 29.46
C ASP B 253 5.52 -12.23 28.38
N LEU B 254 6.46 -13.01 27.82
CA LEU B 254 6.11 -13.96 26.76
C LEU B 254 5.29 -15.12 27.28
N ALA B 255 5.29 -15.38 28.59
CA ALA B 255 4.38 -16.38 29.15
C ALA B 255 2.93 -15.90 29.08
N LYS B 256 2.67 -14.65 29.41
CA LYS B 256 1.30 -14.15 29.30
C LYS B 256 0.91 -13.84 27.86
N TYR B 257 1.85 -13.41 27.02
CA TYR B 257 1.56 -13.00 25.65
C TYR B 257 2.45 -13.77 24.68
N PRO B 258 2.24 -15.07 24.54
CA PRO B 258 3.11 -15.85 23.63
C PRO B 258 3.06 -15.37 22.17
N GLU B 259 1.95 -14.80 21.72
CA GLU B 259 1.89 -14.32 20.36
C GLU B 259 2.96 -13.26 20.09
N TYR B 260 3.36 -12.53 21.15
CA TYR B 260 4.36 -11.48 20.98
C TYR B 260 5.71 -12.06 20.60
N ALA B 261 5.94 -13.34 20.89
CA ALA B 261 7.17 -14.01 20.51
C ALA B 261 7.40 -13.96 19.02
N ARG B 262 6.33 -13.81 18.23
CA ARG B 262 6.49 -13.79 16.78
C ARG B 262 6.68 -12.37 16.26
N ALA B 263 6.44 -11.36 17.08
CA ALA B 263 6.75 -10.01 16.66
C ALA B 263 8.27 -9.84 16.54
N LYS B 264 8.66 -8.88 15.68
CA LYS B 264 10.06 -8.57 15.42
C LYS B 264 10.28 -7.07 15.69
N PRO B 265 10.24 -6.67 16.95
CA PRO B 265 10.36 -5.22 17.24
C PRO B 265 11.71 -4.69 16.79
N LEU B 266 11.70 -3.48 16.23
CA LEU B 266 12.90 -2.80 15.76
C LEU B 266 13.29 -1.71 16.74
N LYS B 267 14.57 -1.59 17.04
CA LYS B 267 15.05 -0.56 17.95
C LYS B 267 15.86 0.49 17.19
N VAL B 268 15.64 1.75 17.53
CA VAL B 268 16.39 2.83 16.90
C VAL B 268 16.52 4.01 17.86
N ARG B 269 17.74 4.44 18.06
CA ARG B 269 18.01 5.68 18.77
C ARG B 269 18.16 6.84 17.78
N VAL B 270 17.52 7.95 18.10
CA VAL B 270 17.50 9.16 17.27
C VAL B 270 18.17 10.29 18.05
N HIS B 271 19.27 10.79 17.51
CA HIS B 271 20.08 11.82 18.17
C HIS B 271 19.77 13.22 17.59
N ALA B 272 20.29 14.25 18.25
CA ALA B 272 20.11 15.61 17.78
C ALA B 272 20.59 15.76 16.34
N GLY B 273 19.71 16.29 15.48
CA GLY B 273 20.06 16.46 14.09
C GLY B 273 19.68 15.29 13.19
N ASP B 274 19.35 14.13 13.77
CA ASP B 274 18.82 12.99 13.05
C ASP B 274 17.33 13.19 12.77
N ILE B 275 16.88 12.59 11.67
CA ILE B 275 15.47 12.55 11.31
C ILE B 275 15.05 11.09 11.30
N LEU B 276 13.95 10.78 11.96
CA LEU B 276 13.30 9.47 11.83
C LEU B 276 11.97 9.68 11.12
N TYR B 277 11.78 8.96 10.00
CA TYR B 277 10.46 8.81 9.38
C TYR B 277 9.82 7.57 9.97
N LEU B 278 8.73 7.81 10.70
CA LEU B 278 7.87 6.80 11.32
C LEU B 278 6.57 6.71 10.55
N PRO B 279 6.41 5.70 9.70
CA PRO B 279 5.29 5.67 8.76
C PRO B 279 3.97 5.41 9.48
N ASN B 280 2.90 5.82 8.80
CA ASN B 280 1.56 5.72 9.35
C ASN B 280 1.24 4.30 9.79
N TYR B 281 0.54 4.21 10.93
CA TYR B 281 0.05 2.99 11.55
C TYR B 281 1.14 2.06 12.08
N TRP B 282 2.40 2.48 12.06
CA TRP B 282 3.40 1.69 12.75
C TRP B 282 3.23 1.83 14.27
N PHE B 283 3.31 0.70 14.96
CA PHE B 283 3.40 0.71 16.42
C PHE B 283 4.72 1.35 16.85
N HIS B 284 4.67 2.19 17.91
CA HIS B 284 5.89 2.75 18.46
C HIS B 284 5.71 3.02 19.96
N HIS B 285 6.79 2.72 20.68
CA HIS B 285 7.03 2.99 22.11
C HIS B 285 8.26 3.90 22.15
N VAL B 286 8.23 4.93 22.99
CA VAL B 286 9.27 5.96 22.92
C VAL B 286 9.76 6.28 24.33
N SER B 287 11.08 6.22 24.50
CA SER B 287 11.79 6.68 25.68
C SER B 287 12.75 7.81 25.31
N GLN B 288 13.27 8.49 26.34
CA GLN B 288 14.06 9.68 26.06
C GLN B 288 15.13 9.87 27.13
N SER B 289 16.23 10.49 26.71
CA SER B 289 17.22 11.02 27.63
C SER B 289 16.61 12.13 28.46
N HIS B 290 17.27 12.45 29.56
CA HIS B 290 16.67 13.36 30.53
C HIS B 290 16.66 14.79 30.00
N LYS B 291 15.50 15.41 30.06
CA LYS B 291 15.30 16.73 29.42
C LYS B 291 15.54 16.71 27.91
N CYS B 292 15.29 15.57 27.26
CA CYS B 292 15.32 15.58 25.80
C CYS B 292 14.30 16.57 25.22
N ILE B 293 14.71 17.25 24.13
CA ILE B 293 13.88 18.18 23.36
C ILE B 293 13.75 17.67 21.93
N ALA B 294 12.52 17.61 21.44
CA ALA B 294 12.28 17.16 20.08
C ALA B 294 11.10 17.92 19.46
N VAL B 295 11.12 18.00 18.15
N VAL B 295 11.10 17.98 18.15
CA VAL B 295 9.97 18.48 17.40
CA VAL B 295 9.98 18.49 17.37
C VAL B 295 9.58 17.39 16.43
C VAL B 295 9.57 17.43 16.38
N ASN B 296 8.29 17.33 16.10
CA ASN B 296 7.84 16.39 15.07
C ASN B 296 6.67 16.95 14.27
N PHE B 297 6.54 16.41 13.07
CA PHE B 297 5.60 16.88 12.05
C PHE B 297 4.69 15.72 11.67
N TRP B 298 3.40 15.92 11.86
CA TRP B 298 2.39 14.92 11.54
C TRP B 298 1.67 15.38 10.29
N TYR B 299 1.50 14.44 9.35
CA TYR B 299 0.74 14.64 8.11
C TYR B 299 -0.33 13.56 8.04
N ASP B 300 -1.56 13.95 7.71
CA ASP B 300 -2.65 12.98 7.63
C ASP B 300 -2.32 11.92 6.60
N LEU B 301 -2.67 10.67 6.90
CA LEU B 301 -2.34 9.62 5.94
C LEU B 301 -3.22 9.74 4.68
N ASP B 302 -2.71 9.18 3.60
CA ASP B 302 -3.51 8.95 2.38
C ASP B 302 -3.98 7.50 2.36
N TYR B 303 -5.29 7.30 2.30
CA TYR B 303 -5.83 5.96 2.46
C TYR B 303 -5.72 5.16 1.18
N ASP B 304 -5.35 3.88 1.33
CA ASP B 304 -5.42 2.91 0.25
C ASP B 304 -5.82 1.57 0.87
N SER B 305 -5.61 0.48 0.14
CA SER B 305 -6.08 -0.82 0.62
C SER B 305 -5.42 -1.24 1.92
N ARG B 306 -4.22 -0.73 2.24
CA ARG B 306 -3.52 -1.23 3.40
C ARG B 306 -4.30 -0.95 4.67
N TYR B 307 -4.96 0.23 4.74
CA TYR B 307 -5.81 0.53 5.88
C TYR B 307 -6.98 -0.45 6.01
N CYS B 308 -7.62 -0.80 4.89
CA CYS B 308 -8.72 -1.74 4.90
C CYS B 308 -8.25 -3.12 5.34
N TYR B 309 -7.09 -3.58 4.87
CA TYR B 309 -6.53 -4.84 5.36
C TYR B 309 -6.23 -4.76 6.86
N TYR B 310 -5.74 -3.63 7.32
CA TYR B 310 -5.48 -3.47 8.74
C TYR B 310 -6.76 -3.61 9.55
N ARG B 311 -7.85 -3.01 9.08
CA ARG B 311 -9.18 -3.12 9.74
C ARG B 311 -9.58 -4.60 9.71
N MET B 312 -9.29 -5.32 8.64
CA MET B 312 -9.58 -6.76 8.57
C MET B 312 -8.76 -7.50 9.62
N LEU B 313 -7.51 -7.12 9.78
CA LEU B 313 -6.66 -7.74 10.80
C LEU B 313 -7.23 -7.52 12.19
N GLU B 314 -7.75 -6.33 12.44
CA GLU B 314 -8.36 -6.07 13.73
C GLU B 314 -9.55 -7.02 13.94
N GLN B 315 -10.44 -7.11 12.95
CA GLN B 315 -11.57 -8.03 13.07
C GLN B 315 -11.11 -9.46 13.32
N MET B 316 -10.04 -9.89 12.66
CA MET B 316 -9.62 -11.28 12.76
C MET B 316 -9.04 -11.60 14.15
N THR B 317 -8.46 -10.61 14.80
CA THR B 317 -7.85 -10.82 16.09
C THR B 317 -8.76 -10.40 17.24
N SER B 318 -10.01 -10.05 16.95
CA SER B 318 -10.91 -9.55 17.99
C SER B 318 -11.53 -10.66 18.86
MN MN C . -3.00 -9.45 -18.49
C1 OGA D . -2.22 -7.40 -20.41
C2 OGA D . -3.38 -8.12 -21.06
C4 OGA D . -4.87 -8.52 -22.95
C5 OGA D . -5.25 -7.88 -24.29
O1 OGA D . -1.76 -6.44 -21.09
O2 OGA D . -1.73 -7.84 -19.32
O2' OGA D . -4.00 -9.08 -20.40
O3 OGA D . -4.73 -6.78 -24.61
N1 OGA D . -3.76 -7.86 -22.32
O4 OGA D . -6.08 -8.52 -24.98
H4C1 OGA D . -5.64 -8.48 -22.36
H4C2 OGA D . -4.63 -9.45 -23.11
H1 OGA D . -3.32 -7.25 -22.84
C1 EDO E . -11.97 7.23 7.91
O1 EDO E . -11.76 6.30 8.97
C2 EDO E . -12.31 6.37 6.70
O2 EDO E . -13.45 5.58 7.04
H11 EDO E . -11.07 7.83 7.73
H12 EDO E . -12.78 7.92 8.15
HO1 EDO E . -11.37 6.77 9.73
H21 EDO E . -11.47 5.74 6.44
H22 EDO E . -12.54 7.00 5.83
HO2 EDO E . -13.81 5.16 6.25
S SO4 F . -3.13 13.78 -2.60
O1 SO4 F . -3.62 12.72 -1.67
O2 SO4 F . -3.82 13.53 -3.91
O3 SO4 F . -1.63 13.70 -2.77
O4 SO4 F . -3.48 15.09 -2.01
MN MN G . 2.71 8.61 18.44
C1 OGA H . 4.79 10.63 18.16
C2 OGA H . 4.97 10.14 19.57
C4 OGA H . 6.09 10.15 21.74
C5 OGA H . 7.22 10.85 22.46
O1 OGA H . 3.83 10.13 17.50
O2 OGA H . 5.65 11.46 17.72
O2' OGA H . 4.15 9.14 19.93
O3 OGA H . 7.29 10.60 23.69
N1 OGA H . 5.86 10.68 20.42
O4 OGA H . 7.95 11.62 21.78
H4C1 OGA H . 6.32 9.21 21.66
H4C2 OGA H . 5.27 10.25 22.26
H1 OGA H . 6.37 11.41 20.22
C1 EDO I . -2.80 2.22 19.72
O1 EDO I . -3.47 3.40 19.24
C2 EDO I . -3.86 1.13 19.85
O2 EDO I . -4.09 0.82 18.45
H11 EDO I . -2.32 2.41 20.68
H12 EDO I . -2.01 1.91 19.02
HO1 EDO I . -2.82 4.08 19.03
H21 EDO I . -4.76 1.49 20.35
H22 EDO I . -3.50 0.26 20.41
HO2 EDO I . -4.78 0.16 18.38
#